data_1FNN
#
_entry.id   1FNN
#
_cell.length_a   132.070
_cell.length_b   132.070
_cell.length_c   82.200
_cell.angle_alpha   90.00
_cell.angle_beta   90.00
_cell.angle_gamma   120.00
#
_symmetry.space_group_name_H-M   'P 31'
#
loop_
_entity.id
_entity.type
_entity.pdbx_description
1 polymer 'CELL DIVISION CONTROL PROTEIN 6'
2 non-polymer 'MAGNESIUM ION'
3 non-polymer "ADENOSINE-5'-DIPHOSPHATE"
4 water water
#
_entity_poly.entity_id   1
_entity_poly.type   'polypeptide(L)'
_entity_poly.pdbx_seq_one_letter_code
;MAIVVDDSVFSPSYVPKRLPHREQQLQQLDILLGNWLRNPGHHYPRATLLGRPGTGKTVTLRKLWELYKDKTTARFVYIN
GFIYRNFTAIIGEIARSLNIPFPRRGLSRDEFLALLVEHLRERDLYMFLVLDDAFNLAPDILSTFIRLGQEADKLGAFRI
ALVIVGHNDAVLNNLDPSTRGIMGKYVIRFSPYTKDQIFDILLDRAKAGLAEGSYSEDILQMIADITGAQTPLDTNRGDA
RLAIDILYRSAYAAQQNGRKHIAPEDVRKSSKEVLFGISEEVLIGLPLHEKLFLLAIVRSLKISHTPYITFGDAEESYKI
VCEEYGERPRVHSQLWSYLNDLREKGIVETRQNKRGEGVRGRTTLISIGTEPLDTLEAVITKLIKEELR
;
_entity_poly.pdbx_strand_id   A,B
#
# COMPACT_ATOMS: atom_id res chain seq x y z
N ALA A 2 1.69 -0.32 -31.11
CA ALA A 2 0.67 -0.45 -30.04
C ALA A 2 -0.17 0.81 -29.89
N ILE A 3 -1.44 0.62 -29.50
CA ILE A 3 -2.28 1.77 -29.20
C ILE A 3 -1.96 2.36 -27.82
N VAL A 4 -1.91 1.47 -26.85
CA VAL A 4 -1.60 1.81 -25.47
C VAL A 4 -0.06 1.99 -25.33
N VAL A 5 0.38 3.23 -25.19
CA VAL A 5 1.83 3.45 -25.08
C VAL A 5 2.23 3.63 -23.63
N ASP A 6 1.38 4.23 -22.79
CA ASP A 6 1.70 4.27 -21.36
C ASP A 6 0.51 3.85 -20.55
N ASP A 7 0.35 2.59 -20.15
CA ASP A 7 -0.77 2.14 -19.36
C ASP A 7 -0.85 2.67 -17.94
N SER A 8 0.23 3.24 -17.36
CA SER A 8 0.14 3.74 -15.99
C SER A 8 -0.80 4.93 -15.95
N VAL A 9 -0.96 5.64 -17.05
CA VAL A 9 -1.88 6.77 -17.21
C VAL A 9 -3.35 6.37 -17.02
N PHE A 10 -3.65 5.09 -17.05
CA PHE A 10 -4.98 4.53 -16.84
C PHE A 10 -5.16 3.89 -15.49
N SER A 11 -4.10 3.90 -14.63
CA SER A 11 -4.38 3.24 -13.35
C SER A 11 -5.00 4.23 -12.39
N PRO A 12 -5.76 3.70 -11.43
CA PRO A 12 -6.43 4.48 -10.41
C PRO A 12 -5.55 5.45 -9.66
N SER A 13 -4.29 5.06 -9.45
CA SER A 13 -3.37 5.82 -8.66
C SER A 13 -2.66 6.92 -9.44
N TYR A 14 -2.76 6.92 -10.77
CA TYR A 14 -2.14 8.00 -11.54
C TYR A 14 -2.75 9.35 -11.22
N VAL A 15 -1.90 10.34 -11.03
CA VAL A 15 -2.28 11.72 -10.72
C VAL A 15 -1.86 12.55 -11.91
N PRO A 16 -2.78 13.05 -12.73
CA PRO A 16 -2.43 13.71 -13.96
C PRO A 16 -1.82 15.07 -13.65
N LYS A 17 -1.18 15.68 -14.64
CA LYS A 17 -0.59 17.00 -14.49
C LYS A 17 -1.65 18.05 -14.22
N ARG A 18 -2.75 17.98 -15.00
CA ARG A 18 -3.81 18.93 -14.74
C ARG A 18 -5.11 18.20 -14.42
N LEU A 19 -5.95 18.92 -13.72
CA LEU A 19 -7.28 18.56 -13.27
C LEU A 19 -8.27 19.58 -13.82
N PRO A 20 -8.62 19.40 -15.11
CA PRO A 20 -9.54 20.33 -15.75
C PRO A 20 -10.86 20.20 -15.05
N HIS A 21 -11.56 21.31 -14.84
CA HIS A 21 -12.87 21.37 -14.22
C HIS A 21 -12.81 21.21 -12.71
N ARG A 22 -11.60 21.13 -12.12
CA ARG A 22 -11.52 21.04 -10.64
C ARG A 22 -10.68 22.18 -10.09
N GLU A 23 -10.46 23.20 -10.90
CA GLU A 23 -9.69 24.38 -10.51
C GLU A 23 -10.32 25.06 -9.30
N GLN A 24 -11.65 25.09 -9.25
CA GLN A 24 -12.35 25.72 -8.14
C GLN A 24 -12.22 24.97 -6.85
N GLN A 25 -12.40 23.63 -6.88
CA GLN A 25 -12.26 22.84 -5.66
C GLN A 25 -10.83 22.84 -5.11
N LEU A 26 -9.87 22.87 -6.02
CA LEU A 26 -8.46 22.87 -5.61
C LEU A 26 -8.08 24.22 -4.97
N GLN A 27 -8.62 25.28 -5.58
CA GLN A 27 -8.50 26.62 -5.03
C GLN A 27 -9.10 26.72 -3.63
N GLN A 28 -10.30 26.18 -3.41
CA GLN A 28 -10.97 26.17 -2.14
C GLN A 28 -10.15 25.46 -1.08
N LEU A 29 -9.60 24.30 -1.47
CA LEU A 29 -8.74 23.52 -0.62
C LEU A 29 -7.50 24.35 -0.29
N ASP A 30 -6.93 24.98 -1.30
CA ASP A 30 -5.75 25.82 -1.07
C ASP A 30 -6.03 26.92 -0.02
N ILE A 31 -7.20 27.55 -0.19
CA ILE A 31 -7.65 28.60 0.72
C ILE A 31 -7.81 28.02 2.10
N LEU A 32 -8.43 26.81 2.25
CA LEU A 32 -8.59 26.31 3.60
C LEU A 32 -7.23 25.90 4.24
N LEU A 33 -6.34 25.30 3.45
CA LEU A 33 -5.15 24.68 4.02
C LEU A 33 -3.81 25.34 3.82
N GLY A 34 -3.60 26.13 2.80
CA GLY A 34 -2.30 26.64 2.42
C GLY A 34 -1.57 27.39 3.52
N ASN A 35 -2.23 28.35 4.18
CA ASN A 35 -1.55 29.12 5.23
C ASN A 35 -1.05 28.18 6.33
N TRP A 36 -1.92 27.29 6.78
CA TRP A 36 -1.54 26.33 7.81
C TRP A 36 -0.41 25.40 7.36
N LEU A 37 -0.42 24.95 6.09
CA LEU A 37 0.71 24.11 5.64
C LEU A 37 2.04 24.87 5.64
N ARG A 38 1.98 26.15 5.26
CA ARG A 38 3.21 26.97 5.26
C ARG A 38 3.69 27.24 6.69
N ASN A 39 2.81 27.49 7.65
CA ASN A 39 3.10 27.78 9.04
C ASN A 39 2.05 27.20 9.95
N PRO A 40 2.16 25.91 10.26
CA PRO A 40 1.14 25.19 10.99
C PRO A 40 1.03 25.47 12.47
N GLY A 41 -0.14 25.20 12.99
CA GLY A 41 -0.40 25.19 14.42
C GLY A 41 -1.08 26.42 14.99
N HIS A 42 -1.49 27.40 14.20
CA HIS A 42 -2.15 28.59 14.78
C HIS A 42 -3.66 28.56 14.69
N HIS A 43 -4.25 27.64 13.93
CA HIS A 43 -5.70 27.42 13.96
C HIS A 43 -5.97 26.02 13.41
N TYR A 44 -7.18 25.52 13.54
CA TYR A 44 -7.52 24.17 13.14
C TYR A 44 -8.28 24.18 11.81
N PRO A 45 -7.59 23.85 10.73
CA PRO A 45 -8.22 23.80 9.41
C PRO A 45 -9.00 22.51 9.26
N ARG A 46 -10.25 22.59 8.79
CA ARG A 46 -10.99 21.38 8.49
C ARG A 46 -11.93 21.62 7.31
N ALA A 47 -12.04 20.62 6.40
CA ALA A 47 -12.96 20.69 5.28
C ALA A 47 -13.66 19.32 5.10
N THR A 48 -14.79 19.32 4.40
CA THR A 48 -15.51 18.11 4.04
C THR A 48 -15.69 18.15 2.54
N LEU A 49 -15.27 17.10 1.84
CA LEU A 49 -15.39 17.04 0.40
C LEU A 49 -16.58 16.12 0.06
N LEU A 50 -17.55 16.61 -0.71
CA LEU A 50 -18.76 15.78 -0.95
C LEU A 50 -19.03 15.67 -2.45
N GLY A 51 -19.36 14.45 -2.87
CA GLY A 51 -19.63 14.23 -4.29
C GLY A 51 -19.76 12.74 -4.52
N ARG A 52 -20.45 12.39 -5.62
CA ARG A 52 -20.61 10.94 -5.88
C ARG A 52 -19.26 10.33 -6.29
N PRO A 53 -19.26 9.02 -6.48
CA PRO A 53 -18.05 8.32 -6.91
C PRO A 53 -17.56 8.82 -8.25
N GLY A 54 -16.25 9.07 -8.29
CA GLY A 54 -15.64 9.41 -9.57
C GLY A 54 -15.67 10.88 -9.92
N THR A 55 -16.00 11.71 -8.94
CA THR A 55 -16.05 13.16 -9.19
C THR A 55 -14.70 13.82 -8.82
N GLY A 56 -13.61 13.06 -8.66
CA GLY A 56 -12.29 13.70 -8.44
C GLY A 56 -11.99 14.15 -7.01
N LYS A 57 -12.67 13.64 -6.00
CA LYS A 57 -12.42 14.06 -4.63
C LYS A 57 -10.98 13.65 -4.21
N THR A 58 -10.64 12.37 -4.34
CA THR A 58 -9.35 11.86 -3.93
C THR A 58 -8.25 12.45 -4.76
N VAL A 59 -8.46 12.52 -6.08
CA VAL A 59 -7.40 13.05 -6.93
C VAL A 59 -7.14 14.52 -6.62
N THR A 60 -8.20 15.28 -6.34
CA THR A 60 -8.05 16.71 -6.04
C THR A 60 -7.21 16.94 -4.77
N LEU A 61 -7.51 16.17 -3.74
CA LEU A 61 -6.74 16.18 -2.51
C LEU A 61 -5.29 15.73 -2.70
N ARG A 62 -5.05 14.71 -3.54
CA ARG A 62 -3.70 14.25 -3.81
C ARG A 62 -2.93 15.33 -4.53
N LYS A 63 -3.59 16.06 -5.42
CA LYS A 63 -2.95 17.13 -6.16
C LYS A 63 -2.58 18.28 -5.21
N LEU A 64 -3.51 18.57 -4.30
CA LEU A 64 -3.15 19.60 -3.30
C LEU A 64 -1.85 19.20 -2.58
N TRP A 65 -1.80 18.00 -2.04
CA TRP A 65 -0.58 17.53 -1.36
C TRP A 65 0.65 17.66 -2.23
N GLU A 66 0.54 17.25 -3.50
CA GLU A 66 1.63 17.28 -4.45
C GLU A 66 2.16 18.72 -4.55
N LEU A 67 1.30 19.72 -4.50
CA LEU A 67 1.78 21.10 -4.62
C LEU A 67 2.49 21.59 -3.35
N TYR A 68 2.20 21.01 -2.19
CA TYR A 68 2.70 21.49 -0.92
C TYR A 68 3.77 20.58 -0.30
N LYS A 69 4.00 19.44 -0.89
CA LYS A 69 4.80 18.34 -0.39
C LYS A 69 6.22 18.81 0.04
N ASP A 70 6.80 19.68 -0.77
CA ASP A 70 8.18 20.09 -0.45
C ASP A 70 8.25 21.41 0.29
N LYS A 71 7.10 21.99 0.63
CA LYS A 71 6.96 23.31 1.20
C LYS A 71 6.29 23.30 2.56
N THR A 72 6.28 22.14 3.25
CA THR A 72 5.64 22.07 4.54
C THR A 72 6.37 21.10 5.46
N THR A 73 6.18 21.29 6.77
CA THR A 73 6.72 20.33 7.72
C THR A 73 5.63 19.35 8.08
N ALA A 74 4.37 19.59 7.65
CA ALA A 74 3.30 18.73 8.06
C ALA A 74 3.46 17.33 7.49
N ARG A 75 2.90 16.35 8.15
CA ARG A 75 2.94 14.97 7.62
C ARG A 75 1.58 14.61 7.01
N PHE A 76 1.53 14.11 5.79
CA PHE A 76 0.26 13.77 5.16
C PHE A 76 -0.11 12.33 5.53
N VAL A 77 -1.15 12.15 6.30
CA VAL A 77 -1.56 10.86 6.82
C VAL A 77 -2.91 10.47 6.18
N TYR A 78 -2.78 9.70 5.10
CA TYR A 78 -3.98 9.38 4.30
C TYR A 78 -4.63 8.11 4.82
N ILE A 79 -5.92 8.21 5.20
CA ILE A 79 -6.63 7.07 5.73
C ILE A 79 -7.77 6.68 4.78
N ASN A 80 -7.64 5.52 4.14
CA ASN A 80 -8.75 5.11 3.24
C ASN A 80 -9.79 4.42 4.09
N GLY A 81 -10.94 5.05 4.31
CA GLY A 81 -12.00 4.52 5.16
C GLY A 81 -12.64 3.25 4.60
N PHE A 82 -12.41 2.93 3.33
CA PHE A 82 -12.91 1.67 2.80
C PHE A 82 -12.12 0.51 3.44
N ILE A 83 -10.85 0.71 3.69
CA ILE A 83 -9.95 -0.28 4.26
C ILE A 83 -9.88 -0.23 5.78
N TYR A 84 -9.65 0.95 6.36
CA TYR A 84 -9.53 1.08 7.82
C TYR A 84 -10.81 1.69 8.36
N ARG A 85 -11.64 0.92 9.06
CA ARG A 85 -12.97 1.40 9.45
C ARG A 85 -13.22 1.59 10.93
N ASN A 86 -12.60 0.75 11.75
CA ASN A 86 -12.83 0.90 13.19
C ASN A 86 -11.64 1.63 13.78
N PHE A 87 -11.78 2.10 15.00
CA PHE A 87 -10.80 2.86 15.72
C PHE A 87 -9.42 2.20 15.71
N THR A 88 -9.36 0.91 16.03
CA THR A 88 -8.11 0.18 16.10
C THR A 88 -7.40 0.14 14.75
N ALA A 89 -8.12 -0.13 13.68
CA ALA A 89 -7.53 -0.15 12.35
C ALA A 89 -7.00 1.24 11.98
N ILE A 90 -7.77 2.29 12.20
CA ILE A 90 -7.37 3.65 11.83
C ILE A 90 -6.21 4.18 12.65
N ILE A 91 -6.30 4.04 13.99
CA ILE A 91 -5.18 4.49 14.83
C ILE A 91 -3.92 3.72 14.51
N GLY A 92 -4.02 2.43 14.21
CA GLY A 92 -2.89 1.65 13.76
C GLY A 92 -2.26 2.20 12.48
N GLU A 93 -3.08 2.58 11.49
CA GLU A 93 -2.53 3.11 10.25
C GLU A 93 -1.95 4.50 10.47
N ILE A 94 -2.52 5.32 11.36
CA ILE A 94 -1.95 6.62 11.69
C ILE A 94 -0.61 6.44 12.36
N ALA A 95 -0.57 5.48 13.31
CA ALA A 95 0.66 5.18 14.04
C ALA A 95 1.77 4.69 13.13
N ARG A 96 1.40 3.82 12.20
CA ARG A 96 2.37 3.37 11.21
C ARG A 96 2.85 4.51 10.34
N SER A 97 1.90 5.37 9.91
CA SER A 97 2.32 6.47 9.02
C SER A 97 3.19 7.46 9.77
N LEU A 98 3.04 7.65 11.07
CA LEU A 98 3.82 8.54 11.92
C LEU A 98 4.97 7.87 12.68
N ASN A 99 5.25 6.59 12.40
CA ASN A 99 6.25 5.83 13.12
C ASN A 99 6.09 5.96 14.64
N ILE A 100 4.93 5.61 15.16
CA ILE A 100 4.73 5.65 16.62
C ILE A 100 4.75 4.18 17.05
N PRO A 101 5.71 3.78 17.85
CA PRO A 101 5.79 2.39 18.28
C PRO A 101 4.66 2.09 19.26
N PHE A 102 4.03 0.94 19.19
CA PHE A 102 3.09 0.54 20.23
C PHE A 102 3.73 -0.26 21.37
N PRO A 103 3.13 -0.11 22.55
CA PRO A 103 3.55 -0.83 23.73
C PRO A 103 3.17 -2.30 23.67
N ARG A 104 3.88 -3.08 24.48
CA ARG A 104 3.60 -4.52 24.53
C ARG A 104 2.16 -4.76 25.01
N ARG A 105 1.78 -4.15 26.11
CA ARG A 105 0.42 -4.25 26.65
C ARG A 105 -0.66 -3.78 25.68
N GLY A 106 -1.87 -4.30 25.88
CA GLY A 106 -3.02 -3.94 25.05
C GLY A 106 -3.47 -2.55 25.50
N LEU A 107 -3.77 -1.67 24.55
CA LEU A 107 -4.16 -0.33 24.96
C LEU A 107 -5.65 -0.07 24.75
N SER A 108 -6.24 0.72 25.65
CA SER A 108 -7.62 1.16 25.44
C SER A 108 -7.64 2.25 24.35
N ARG A 109 -8.86 2.55 23.90
CA ARG A 109 -9.11 3.59 22.93
C ARG A 109 -8.57 4.92 23.43
N ASP A 110 -8.79 5.23 24.70
CA ASP A 110 -8.28 6.45 25.30
C ASP A 110 -6.77 6.47 25.38
N GLU A 111 -6.17 5.34 25.77
CA GLU A 111 -4.71 5.22 25.82
C GLU A 111 -4.07 5.48 24.45
N PHE A 112 -4.66 4.87 23.43
CA PHE A 112 -4.24 5.09 22.05
C PHE A 112 -4.27 6.56 21.64
N LEU A 113 -5.39 7.25 21.95
CA LEU A 113 -5.47 8.67 21.61
C LEU A 113 -4.42 9.44 22.38
N ALA A 114 -4.31 9.06 23.67
CA ALA A 114 -3.28 9.74 24.50
C ALA A 114 -1.89 9.52 23.90
N LEU A 115 -1.60 8.30 23.47
CA LEU A 115 -0.27 8.03 22.84
C LEU A 115 -0.04 8.88 21.59
N LEU A 116 -1.07 8.99 20.75
CA LEU A 116 -1.02 9.81 19.54
C LEU A 116 -0.85 11.25 19.89
N VAL A 117 -1.57 11.73 20.92
CA VAL A 117 -1.33 13.13 21.35
C VAL A 117 0.09 13.33 21.86
N GLU A 118 0.57 12.40 22.71
CA GLU A 118 1.94 12.55 23.24
C GLU A 118 3.00 12.63 22.14
N HIS A 119 2.88 11.72 21.17
CA HIS A 119 3.86 11.76 20.06
C HIS A 119 3.76 13.04 19.26
N LEU A 120 2.54 13.53 18.95
CA LEU A 120 2.41 14.78 18.17
C LEU A 120 3.03 15.96 18.90
N ARG A 121 2.78 16.01 20.22
CA ARG A 121 3.31 17.04 21.10
C ARG A 121 4.81 16.92 21.35
N GLU A 122 5.27 15.75 21.79
CA GLU A 122 6.69 15.63 22.16
C GLU A 122 7.65 15.62 21.00
N ARG A 123 7.15 15.24 19.81
CA ARG A 123 8.02 15.25 18.63
C ARG A 123 7.72 16.52 17.83
N ASP A 124 6.84 17.36 18.32
CA ASP A 124 6.47 18.62 17.68
C ASP A 124 6.08 18.36 16.20
N LEU A 125 5.05 17.54 16.01
CA LEU A 125 4.67 17.12 14.68
C LEU A 125 3.37 17.84 14.30
N TYR A 126 3.13 17.91 13.01
CA TYR A 126 1.89 18.52 12.48
C TYR A 126 1.40 17.53 11.42
N MET A 127 0.18 17.07 11.61
CA MET A 127 -0.46 16.06 10.81
C MET A 127 -1.60 16.65 9.96
N PHE A 128 -1.51 16.45 8.65
CA PHE A 128 -2.65 16.71 7.75
C PHE A 128 -3.32 15.33 7.57
N LEU A 129 -4.41 15.13 8.28
CA LEU A 129 -5.11 13.86 8.31
C LEU A 129 -6.32 13.85 7.38
N VAL A 130 -6.29 12.90 6.44
CA VAL A 130 -7.40 12.78 5.51
C VAL A 130 -8.16 11.50 5.88
N LEU A 131 -9.46 11.64 6.14
CA LEU A 131 -10.27 10.41 6.27
C LEU A 131 -11.11 10.26 5.02
N ASP A 132 -10.58 9.56 4.02
CA ASP A 132 -11.24 9.39 2.73
C ASP A 132 -12.34 8.34 2.85
N ASP A 133 -13.37 8.49 2.05
CA ASP A 133 -14.56 7.64 2.14
C ASP A 133 -14.97 7.36 3.57
N ALA A 134 -15.18 8.44 4.30
CA ALA A 134 -15.50 8.43 5.71
C ALA A 134 -16.90 8.01 6.08
N PHE A 135 -17.80 7.84 5.14
CA PHE A 135 -19.11 7.24 5.34
C PHE A 135 -18.98 5.81 5.82
N ASN A 136 -17.85 5.15 5.53
CA ASN A 136 -17.56 3.82 6.03
C ASN A 136 -17.33 3.77 7.53
N LEU A 137 -17.03 4.87 8.22
CA LEU A 137 -16.77 4.79 9.64
C LEU A 137 -18.07 4.96 10.45
N ALA A 138 -18.01 4.47 11.70
CA ALA A 138 -19.16 4.75 12.58
C ALA A 138 -19.05 6.23 12.91
N PRO A 139 -20.18 6.92 13.05
CA PRO A 139 -20.18 8.32 13.40
C PRO A 139 -19.36 8.67 14.64
N ASP A 140 -19.30 7.82 15.65
CA ASP A 140 -18.53 8.03 16.86
C ASP A 140 -17.02 8.08 16.61
N ILE A 141 -16.53 7.30 15.66
CA ILE A 141 -15.13 7.36 15.25
C ILE A 141 -14.85 8.69 14.57
N LEU A 142 -15.71 9.03 13.62
CA LEU A 142 -15.57 10.31 12.93
C LEU A 142 -15.54 11.45 13.94
N SER A 143 -16.47 11.49 14.90
CA SER A 143 -16.43 12.52 15.93
C SER A 143 -15.15 12.53 16.74
N THR A 144 -14.71 11.36 17.21
CA THR A 144 -13.42 11.33 17.91
C THR A 144 -12.37 12.10 17.11
N PHE A 145 -12.17 11.79 15.82
CA PHE A 145 -11.09 12.48 15.10
C PHE A 145 -11.39 13.93 14.83
N ILE A 146 -12.66 14.25 14.55
CA ILE A 146 -13.05 15.64 14.39
C ILE A 146 -12.74 16.46 15.63
N ARG A 147 -12.99 15.93 16.83
CA ARG A 147 -12.79 16.67 18.06
C ARG A 147 -11.34 16.78 18.49
N LEU A 148 -10.52 15.83 18.05
CA LEU A 148 -9.11 15.82 18.45
C LEU A 148 -8.41 17.09 18.02
N GLY A 149 -8.62 17.58 16.80
CA GLY A 149 -7.97 18.77 16.30
C GLY A 149 -8.26 20.04 17.08
N GLN A 150 -9.33 20.10 17.84
CA GLN A 150 -9.65 21.23 18.69
C GLN A 150 -8.87 21.27 20.00
N GLU A 151 -8.29 20.17 20.41
CA GLU A 151 -7.54 20.07 21.67
C GLU A 151 -6.16 20.63 21.66
N ALA A 152 -6.03 21.93 21.39
CA ALA A 152 -4.74 22.56 21.24
C ALA A 152 -3.91 22.59 22.52
N ASP A 153 -4.54 22.68 23.68
CA ASP A 153 -3.76 22.76 24.91
C ASP A 153 -3.13 21.41 25.23
N LYS A 154 -3.86 20.34 24.98
CA LYS A 154 -3.25 19.01 25.11
C LYS A 154 -2.25 18.75 24.00
N LEU A 155 -2.52 19.25 22.78
CA LEU A 155 -1.56 19.01 21.69
C LEU A 155 -0.33 19.89 21.80
N GLY A 156 -0.50 21.12 22.32
CA GLY A 156 0.58 22.10 22.32
C GLY A 156 0.46 23.14 21.22
N ALA A 157 -0.35 22.83 20.22
CA ALA A 157 -0.59 23.75 19.10
C ALA A 157 -1.80 23.23 18.34
N PHE A 158 -2.26 23.91 17.28
CA PHE A 158 -3.35 23.23 16.51
C PHE A 158 -2.57 22.31 15.58
N ARG A 159 -2.30 21.09 16.07
CA ARG A 159 -1.39 20.23 15.31
C ARG A 159 -2.03 19.42 14.21
N ILE A 160 -3.34 19.50 14.03
CA ILE A 160 -4.03 18.65 13.09
C ILE A 160 -4.89 19.47 12.11
N ALA A 161 -4.73 19.20 10.82
CA ALA A 161 -5.63 19.75 9.80
C ALA A 161 -6.39 18.53 9.26
N LEU A 162 -7.71 18.60 9.23
CA LEU A 162 -8.49 17.40 8.96
C LEU A 162 -9.41 17.55 7.77
N VAL A 163 -9.25 16.68 6.78
CA VAL A 163 -10.21 16.64 5.67
C VAL A 163 -10.96 15.31 5.75
N ILE A 164 -12.30 15.35 5.66
CA ILE A 164 -13.11 14.15 5.60
C ILE A 164 -13.93 14.15 4.29
N VAL A 165 -14.12 12.94 3.77
CA VAL A 165 -14.69 12.77 2.44
C VAL A 165 -15.92 11.88 2.45
N GLY A 166 -17.02 12.39 1.83
CA GLY A 166 -18.25 11.59 1.78
C GLY A 166 -18.92 11.77 0.42
N HIS A 167 -20.05 11.09 0.24
CA HIS A 167 -20.82 11.14 -0.98
C HIS A 167 -21.84 12.28 -1.00
N ASN A 168 -22.40 12.56 0.16
CA ASN A 168 -23.43 13.58 0.29
C ASN A 168 -23.43 14.07 1.73
N ASP A 169 -24.41 14.90 2.08
CA ASP A 169 -24.51 15.48 3.41
C ASP A 169 -24.79 14.50 4.52
N ALA A 170 -25.16 13.26 4.25
CA ALA A 170 -25.40 12.28 5.31
C ALA A 170 -24.15 11.99 6.13
N VAL A 171 -22.96 12.14 5.53
CA VAL A 171 -21.74 11.93 6.33
C VAL A 171 -21.71 12.94 7.47
N LEU A 172 -22.14 14.18 7.26
CA LEU A 172 -22.24 15.18 8.29
C LEU A 172 -23.53 15.12 9.13
N ASN A 173 -24.66 14.86 8.45
CA ASN A 173 -25.94 14.80 9.14
C ASN A 173 -26.02 13.72 10.20
N ASN A 174 -25.32 12.60 10.04
CA ASN A 174 -25.32 11.54 11.03
C ASN A 174 -24.45 11.86 12.25
N LEU A 175 -23.73 12.98 12.24
CA LEU A 175 -22.95 13.39 13.39
C LEU A 175 -23.87 14.13 14.37
N ASP A 176 -23.57 14.04 15.65
CA ASP A 176 -24.21 14.83 16.69
C ASP A 176 -24.05 16.31 16.33
N PRO A 177 -24.89 17.17 16.90
CA PRO A 177 -24.91 18.58 16.57
C PRO A 177 -23.63 19.33 16.86
N SER A 178 -23.02 19.07 18.01
CA SER A 178 -21.77 19.75 18.38
C SER A 178 -20.71 19.48 17.31
N THR A 179 -20.43 18.19 17.16
CA THR A 179 -19.46 17.65 16.23
C THR A 179 -19.71 18.14 14.81
N ARG A 180 -20.95 18.13 14.37
CA ARG A 180 -21.36 18.66 13.08
C ARG A 180 -20.99 20.14 12.99
N GLY A 181 -21.07 20.84 14.10
CA GLY A 181 -20.70 22.24 14.19
C GLY A 181 -19.28 22.55 13.73
N ILE A 182 -18.33 21.67 14.00
CA ILE A 182 -16.93 21.88 13.61
C ILE A 182 -16.72 21.85 12.11
N MET A 183 -17.26 20.92 11.36
CA MET A 183 -17.05 20.75 9.94
C MET A 183 -17.97 21.47 8.95
N GLY A 184 -19.11 21.96 9.39
CA GLY A 184 -20.10 22.52 8.47
C GLY A 184 -19.65 23.89 8.02
N LYS A 185 -19.91 24.18 6.76
CA LYS A 185 -19.50 25.43 6.14
C LYS A 185 -18.04 25.45 5.76
N TYR A 186 -17.33 24.33 5.91
CA TYR A 186 -16.07 24.19 5.17
C TYR A 186 -16.40 23.01 4.23
N VAL A 187 -17.38 23.14 3.35
CA VAL A 187 -17.81 22.02 2.52
C VAL A 187 -17.49 22.31 1.07
N ILE A 188 -16.73 21.40 0.46
CA ILE A 188 -16.37 21.60 -0.94
C ILE A 188 -17.08 20.52 -1.75
N ARG A 189 -17.87 20.92 -2.73
CA ARG A 189 -18.73 20.02 -3.46
C ARG A 189 -18.16 19.75 -4.85
N PHE A 190 -18.23 18.47 -5.24
CA PHE A 190 -17.69 18.00 -6.50
C PHE A 190 -18.91 17.43 -7.27
N SER A 191 -19.38 18.18 -8.24
CA SER A 191 -20.62 17.74 -8.92
C SER A 191 -20.30 16.78 -10.06
N PRO A 192 -21.26 15.93 -10.41
CA PRO A 192 -21.07 14.93 -11.44
C PRO A 192 -20.48 15.65 -12.65
N TYR A 193 -19.52 15.03 -13.34
CA TYR A 193 -18.99 15.72 -14.50
C TYR A 193 -20.02 15.65 -15.66
N THR A 194 -19.99 16.70 -16.45
CA THR A 194 -20.87 16.71 -17.62
C THR A 194 -20.14 15.97 -18.75
N LYS A 195 -20.83 15.91 -19.89
CA LYS A 195 -20.25 15.23 -21.02
C LYS A 195 -19.03 15.93 -21.56
N ASP A 196 -19.11 17.25 -21.68
CA ASP A 196 -17.96 17.98 -22.19
C ASP A 196 -16.78 17.86 -21.18
N GLN A 197 -17.06 17.86 -19.89
CA GLN A 197 -15.94 17.78 -18.92
C GLN A 197 -15.32 16.41 -18.99
N ILE A 198 -16.15 15.36 -19.07
CA ILE A 198 -15.62 14.00 -19.28
C ILE A 198 -14.73 13.94 -20.50
N PHE A 199 -15.18 14.50 -21.63
CA PHE A 199 -14.37 14.55 -22.83
C PHE A 199 -12.99 15.20 -22.49
N ASP A 200 -13.00 16.33 -21.83
CA ASP A 200 -11.68 17.01 -21.62
C ASP A 200 -10.74 16.12 -20.80
N ILE A 201 -11.26 15.47 -19.76
CA ILE A 201 -10.48 14.53 -18.97
C ILE A 201 -9.93 13.42 -19.84
N LEU A 202 -10.82 12.77 -20.64
CA LEU A 202 -10.36 11.70 -21.50
C LEU A 202 -9.38 12.15 -22.55
N LEU A 203 -9.49 13.37 -23.10
CA LEU A 203 -8.52 13.77 -24.11
C LEU A 203 -7.11 13.85 -23.48
N ASP A 204 -7.07 14.40 -22.26
CA ASP A 204 -5.78 14.43 -21.52
C ASP A 204 -5.21 13.04 -21.38
N ARG A 205 -5.99 12.05 -20.88
CA ARG A 205 -5.52 10.70 -20.77
C ARG A 205 -5.08 10.12 -22.10
N ALA A 206 -5.86 10.36 -23.16
CA ALA A 206 -5.47 9.81 -24.47
C ALA A 206 -4.12 10.41 -24.91
N LYS A 207 -3.97 11.71 -24.80
CA LYS A 207 -2.72 12.34 -25.25
C LYS A 207 -1.51 11.81 -24.47
N ALA A 208 -1.68 11.53 -23.19
CA ALA A 208 -0.59 11.03 -22.35
C ALA A 208 -0.36 9.54 -22.48
N GLY A 209 -1.40 8.75 -22.77
CA GLY A 209 -1.25 7.30 -22.64
C GLY A 209 -1.39 6.49 -23.92
N LEU A 210 -1.95 7.05 -24.97
CA LEU A 210 -2.20 6.25 -26.18
C LEU A 210 -1.36 6.72 -27.35
N ALA A 211 -1.19 5.86 -28.38
CA ALA A 211 -0.42 6.43 -29.52
C ALA A 211 -1.13 7.53 -30.28
N GLU A 212 -0.33 8.46 -30.82
CA GLU A 212 -0.86 9.53 -31.64
C GLU A 212 -1.50 8.94 -32.90
N GLY A 213 -2.73 9.40 -33.17
CA GLY A 213 -3.57 8.90 -34.21
C GLY A 213 -4.35 7.64 -33.95
N SER A 214 -4.29 7.04 -32.76
CA SER A 214 -5.00 5.81 -32.50
C SER A 214 -6.43 6.04 -31.99
N TYR A 215 -6.82 7.28 -31.75
CA TYR A 215 -8.11 7.57 -31.15
C TYR A 215 -8.61 8.80 -31.86
N SER A 216 -9.92 8.95 -32.04
CA SER A 216 -10.38 10.21 -32.66
C SER A 216 -11.20 10.98 -31.65
N GLU A 217 -11.47 12.23 -31.94
CA GLU A 217 -12.31 13.03 -31.05
C GLU A 217 -13.71 12.39 -30.94
N ASP A 218 -14.20 11.85 -32.05
CA ASP A 218 -15.53 11.22 -32.03
C ASP A 218 -15.56 10.04 -31.07
N ILE A 219 -14.48 9.26 -31.00
CA ILE A 219 -14.50 8.10 -30.09
C ILE A 219 -14.55 8.52 -28.63
N LEU A 220 -13.82 9.60 -28.31
CA LEU A 220 -13.80 10.09 -26.91
C LEU A 220 -15.18 10.66 -26.60
N GLN A 221 -15.75 11.35 -27.61
CA GLN A 221 -17.10 11.92 -27.41
C GLN A 221 -18.16 10.84 -27.15
N MET A 222 -18.01 9.70 -27.79
CA MET A 222 -18.90 8.54 -27.58
C MET A 222 -18.88 8.03 -26.17
N ILE A 223 -17.63 7.90 -25.64
CA ILE A 223 -17.49 7.46 -24.25
C ILE A 223 -18.02 8.51 -23.30
N ALA A 224 -17.76 9.79 -23.59
CA ALA A 224 -18.27 10.88 -22.74
C ALA A 224 -19.82 10.98 -22.76
N ASP A 225 -20.40 10.62 -23.89
CA ASP A 225 -21.86 10.58 -24.07
C ASP A 225 -22.44 9.44 -23.26
N ILE A 226 -21.70 8.36 -23.05
CA ILE A 226 -22.19 7.25 -22.24
C ILE A 226 -22.11 7.60 -20.77
N THR A 227 -21.06 8.33 -20.36
CA THR A 227 -20.80 8.48 -18.93
C THR A 227 -21.10 9.83 -18.33
N GLY A 228 -21.03 10.91 -19.09
CA GLY A 228 -21.17 12.25 -18.54
C GLY A 228 -22.62 12.59 -18.15
N ALA A 229 -22.75 13.41 -17.10
CA ALA A 229 -24.08 13.82 -16.65
C ALA A 229 -24.64 14.91 -17.55
N GLN A 230 -25.93 14.77 -17.90
CA GLN A 230 -26.49 15.85 -18.73
C GLN A 230 -26.84 17.04 -17.88
N THR A 231 -27.51 16.73 -16.78
CA THR A 231 -27.86 17.79 -15.82
C THR A 231 -27.29 17.36 -14.48
N PRO A 232 -27.04 18.29 -13.57
CA PRO A 232 -26.31 18.05 -12.35
C PRO A 232 -26.96 17.23 -11.26
N LEU A 233 -28.24 16.96 -11.42
CA LEU A 233 -29.05 16.15 -10.53
C LEU A 233 -28.96 14.69 -10.94
N ASP A 234 -28.40 14.48 -12.13
CA ASP A 234 -28.19 13.16 -12.71
C ASP A 234 -26.92 12.53 -12.14
N THR A 235 -26.98 12.26 -10.85
CA THR A 235 -25.97 11.74 -9.98
C THR A 235 -25.68 10.26 -10.15
N ASN A 236 -26.33 9.60 -11.10
CA ASN A 236 -25.98 8.22 -11.41
C ASN A 236 -25.00 8.17 -12.59
N ARG A 237 -24.66 9.32 -13.14
CA ARG A 237 -23.66 9.49 -14.18
C ARG A 237 -22.63 10.52 -13.72
N GLY A 238 -21.69 10.86 -14.59
CA GLY A 238 -20.69 11.87 -14.31
C GLY A 238 -19.42 11.29 -13.65
N ASP A 239 -19.26 9.98 -13.67
CA ASP A 239 -18.15 9.29 -13.04
C ASP A 239 -16.92 9.19 -13.93
N ALA A 240 -15.85 9.94 -13.61
CA ALA A 240 -14.66 9.94 -14.44
C ALA A 240 -13.87 8.64 -14.35
N ARG A 241 -13.99 7.93 -13.24
CA ARG A 241 -13.30 6.65 -13.16
C ARG A 241 -13.80 5.72 -14.27
N LEU A 242 -15.15 5.61 -14.29
CA LEU A 242 -15.79 4.75 -15.30
C LEU A 242 -15.40 5.18 -16.69
N ALA A 243 -15.41 6.47 -17.01
CA ALA A 243 -15.07 6.92 -18.33
C ALA A 243 -13.65 6.52 -18.69
N ILE A 244 -12.72 6.72 -17.74
CA ILE A 244 -11.30 6.34 -18.06
C ILE A 244 -11.16 4.84 -18.19
N ASP A 245 -11.87 4.06 -17.37
CA ASP A 245 -11.85 2.61 -17.44
C ASP A 245 -12.37 2.16 -18.82
N ILE A 246 -13.44 2.83 -19.34
CA ILE A 246 -13.92 2.44 -20.66
C ILE A 246 -12.93 2.77 -21.74
N LEU A 247 -12.31 3.95 -21.72
CA LEU A 247 -11.30 4.31 -22.70
C LEU A 247 -10.16 3.28 -22.75
N TYR A 248 -9.67 2.93 -21.56
CA TYR A 248 -8.52 1.99 -21.50
C TYR A 248 -8.90 0.60 -21.99
N ARG A 249 -10.03 0.06 -21.54
CA ARG A 249 -10.57 -1.20 -22.04
C ARG A 249 -10.80 -1.18 -23.56
N SER A 250 -11.14 -0.04 -24.13
CA SER A 250 -11.42 0.04 -25.56
C SER A 250 -10.09 0.06 -26.30
N ALA A 251 -9.14 0.85 -25.81
CA ALA A 251 -7.80 0.85 -26.46
C ALA A 251 -7.22 -0.55 -26.47
N TYR A 252 -7.36 -1.27 -25.38
CA TYR A 252 -6.80 -2.60 -25.31
C TYR A 252 -7.56 -3.57 -26.21
N ALA A 253 -8.91 -3.53 -26.15
CA ALA A 253 -9.68 -4.34 -27.10
C ALA A 253 -9.21 -4.06 -28.49
N ALA A 254 -9.10 -2.80 -28.96
CA ALA A 254 -8.65 -2.56 -30.33
C ALA A 254 -7.28 -3.19 -30.60
N GLN A 255 -6.31 -2.89 -29.72
CA GLN A 255 -4.96 -3.40 -29.85
C GLN A 255 -4.90 -4.92 -29.93
N GLN A 256 -5.60 -5.61 -29.03
CA GLN A 256 -5.57 -7.06 -28.99
C GLN A 256 -6.14 -7.71 -30.26
N ASN A 257 -7.08 -7.05 -30.91
CA ASN A 257 -7.62 -7.41 -32.20
C ASN A 257 -6.73 -7.04 -33.36
N GLY A 258 -5.51 -6.57 -33.16
CA GLY A 258 -4.58 -6.20 -34.20
C GLY A 258 -4.92 -4.90 -34.88
N ARG A 259 -5.78 -4.05 -34.29
CA ARG A 259 -6.10 -2.81 -34.99
C ARG A 259 -5.24 -1.66 -34.52
N LYS A 260 -5.12 -0.57 -35.25
CA LYS A 260 -4.31 0.56 -34.87
C LYS A 260 -5.14 1.72 -34.31
N HIS A 261 -6.46 1.64 -34.56
CA HIS A 261 -7.38 2.71 -34.19
C HIS A 261 -8.51 2.16 -33.31
N ILE A 262 -8.97 2.93 -32.32
CA ILE A 262 -10.07 2.36 -31.50
C ILE A 262 -11.36 2.41 -32.38
N ALA A 263 -12.10 1.35 -32.43
CA ALA A 263 -13.38 1.51 -33.25
C ALA A 263 -14.58 1.59 -32.34
N PRO A 264 -15.77 1.94 -32.88
CA PRO A 264 -16.98 2.01 -32.07
C PRO A 264 -17.30 0.71 -31.41
N GLU A 265 -17.10 -0.47 -32.03
CA GLU A 265 -17.43 -1.73 -31.37
C GLU A 265 -16.54 -2.01 -30.15
N ASP A 266 -15.29 -1.52 -30.17
CA ASP A 266 -14.47 -1.71 -28.95
C ASP A 266 -15.10 -0.99 -27.78
N VAL A 267 -15.59 0.25 -27.96
CA VAL A 267 -16.27 0.98 -26.90
C VAL A 267 -17.54 0.27 -26.41
N ARG A 268 -18.40 -0.20 -27.36
CA ARG A 268 -19.64 -0.86 -26.98
C ARG A 268 -19.40 -2.08 -26.12
N LYS A 269 -18.44 -2.92 -26.54
CA LYS A 269 -18.10 -4.11 -25.78
C LYS A 269 -17.50 -3.71 -24.42
N SER A 270 -16.63 -2.68 -24.41
CA SER A 270 -16.04 -2.29 -23.10
C SER A 270 -17.09 -1.73 -22.15
N SER A 271 -17.96 -0.85 -22.69
CA SER A 271 -19.07 -0.33 -21.93
C SER A 271 -19.91 -1.44 -21.34
N LYS A 272 -20.18 -2.51 -22.10
CA LYS A 272 -21.02 -3.58 -21.55
C LYS A 272 -20.36 -4.37 -20.44
N GLU A 273 -19.01 -4.43 -20.38
CA GLU A 273 -18.37 -5.10 -19.27
C GLU A 273 -18.51 -4.34 -17.96
N VAL A 274 -18.61 -3.01 -17.99
CA VAL A 274 -18.71 -2.25 -16.77
C VAL A 274 -20.08 -1.58 -16.53
N LEU A 275 -20.97 -1.63 -17.53
CA LEU A 275 -22.26 -0.93 -17.32
C LEU A 275 -23.44 -1.87 -17.62
N PHE A 276 -24.60 -1.51 -17.11
CA PHE A 276 -25.82 -2.15 -17.62
C PHE A 276 -25.94 -1.84 -19.12
N GLY A 277 -26.12 -2.87 -19.95
CA GLY A 277 -26.32 -2.61 -21.37
C GLY A 277 -27.77 -2.19 -21.59
N ILE A 278 -28.38 -2.64 -22.69
CA ILE A 278 -29.78 -2.22 -22.95
C ILE A 278 -30.73 -3.33 -22.51
N SER A 279 -31.71 -3.00 -21.69
CA SER A 279 -32.67 -3.99 -21.21
C SER A 279 -33.60 -4.52 -22.30
N GLU A 280 -33.83 -5.83 -22.35
CA GLU A 280 -34.80 -6.37 -23.29
C GLU A 280 -36.21 -5.91 -22.89
N GLU A 281 -36.44 -5.73 -21.59
CA GLU A 281 -37.70 -5.27 -21.06
C GLU A 281 -38.06 -3.88 -21.60
N VAL A 282 -37.08 -2.99 -21.67
CA VAL A 282 -37.36 -1.64 -22.17
C VAL A 282 -37.55 -1.68 -23.69
N LEU A 283 -36.96 -2.65 -24.38
CA LEU A 283 -37.19 -2.72 -25.81
C LEU A 283 -38.61 -3.19 -26.13
N ILE A 284 -39.10 -4.16 -25.37
CA ILE A 284 -40.37 -4.82 -25.68
C ILE A 284 -41.53 -3.82 -25.75
N GLY A 285 -41.55 -2.89 -24.80
CA GLY A 285 -42.50 -1.83 -24.71
C GLY A 285 -42.44 -0.76 -25.78
N LEU A 286 -41.38 -0.56 -26.57
CA LEU A 286 -41.40 0.49 -27.58
C LEU A 286 -42.55 0.16 -28.56
N PRO A 287 -43.12 1.20 -29.12
CA PRO A 287 -44.06 1.08 -30.22
C PRO A 287 -43.35 0.43 -31.39
N LEU A 288 -44.12 -0.22 -32.28
CA LEU A 288 -43.57 -0.81 -33.47
C LEU A 288 -42.60 0.08 -34.26
N HIS A 289 -43.00 1.25 -34.71
CA HIS A 289 -42.19 2.11 -35.54
C HIS A 289 -40.94 2.65 -34.79
N GLU A 290 -40.98 2.80 -33.50
CA GLU A 290 -39.79 3.16 -32.71
C GLU A 290 -38.80 2.00 -32.70
N LYS A 291 -39.25 0.76 -32.62
CA LYS A 291 -38.43 -0.41 -32.85
C LYS A 291 -37.80 -0.42 -34.22
N LEU A 292 -38.56 -0.16 -35.28
CA LEU A 292 -38.09 -0.11 -36.63
C LEU A 292 -37.07 1.02 -36.78
N PHE A 293 -37.36 2.16 -36.19
CA PHE A 293 -36.40 3.27 -36.26
C PHE A 293 -35.10 2.89 -35.47
N LEU A 294 -35.22 2.23 -34.33
CA LEU A 294 -34.01 1.82 -33.61
C LEU A 294 -33.24 0.81 -34.44
N LEU A 295 -33.98 -0.17 -35.05
CA LEU A 295 -33.33 -1.07 -35.99
C LEU A 295 -32.62 -0.30 -37.09
N ALA A 296 -33.24 0.78 -37.61
CA ALA A 296 -32.61 1.51 -38.68
C ALA A 296 -31.26 2.16 -38.20
N ILE A 297 -31.29 2.77 -37.04
CA ILE A 297 -30.08 3.44 -36.47
C ILE A 297 -29.02 2.37 -36.33
N VAL A 298 -29.32 1.21 -35.76
CA VAL A 298 -28.45 0.07 -35.70
C VAL A 298 -27.86 -0.29 -37.06
N ARG A 299 -28.67 -0.38 -38.12
CA ARG A 299 -28.15 -0.68 -39.45
C ARG A 299 -27.27 0.38 -40.07
N SER A 300 -27.54 1.65 -39.89
CA SER A 300 -26.69 2.69 -40.42
C SER A 300 -25.31 2.66 -39.67
N LEU A 301 -25.33 2.43 -38.38
CA LEU A 301 -24.10 2.47 -37.57
C LEU A 301 -23.21 1.27 -37.90
N LYS A 302 -23.80 0.10 -38.18
CA LYS A 302 -23.08 -1.04 -38.70
C LYS A 302 -22.39 -0.76 -40.02
N ILE A 303 -23.02 -0.01 -40.90
CA ILE A 303 -22.48 0.40 -42.18
C ILE A 303 -21.43 1.49 -42.00
N SER A 304 -21.71 2.52 -41.21
CA SER A 304 -20.75 3.60 -41.07
C SER A 304 -19.44 3.12 -40.43
N HIS A 305 -19.42 2.22 -39.47
CA HIS A 305 -18.25 1.90 -38.65
C HIS A 305 -17.73 3.15 -37.93
N THR A 306 -18.65 4.05 -37.62
CA THR A 306 -18.33 5.41 -37.17
C THR A 306 -19.13 5.59 -35.91
N PRO A 307 -18.61 6.23 -34.88
CA PRO A 307 -19.35 6.42 -33.63
C PRO A 307 -20.73 7.03 -33.86
N TYR A 308 -20.84 8.05 -34.73
CA TYR A 308 -22.12 8.71 -34.93
C TYR A 308 -22.67 8.61 -36.36
N ILE A 309 -24.02 8.58 -36.46
CA ILE A 309 -24.64 8.72 -37.79
C ILE A 309 -25.63 9.86 -37.65
N THR A 310 -25.97 10.49 -38.75
CA THR A 310 -26.84 11.66 -38.74
C THR A 310 -28.31 11.26 -38.63
N PHE A 311 -29.21 12.11 -38.24
CA PHE A 311 -30.65 11.84 -38.23
C PHE A 311 -31.12 11.53 -39.65
N GLY A 312 -30.61 12.23 -40.67
CA GLY A 312 -30.96 11.95 -42.06
C GLY A 312 -30.58 10.57 -42.51
N ASP A 313 -29.38 10.11 -42.07
CA ASP A 313 -28.95 8.76 -42.34
C ASP A 313 -29.96 7.76 -41.77
N ALA A 314 -30.28 7.91 -40.49
CA ALA A 314 -31.20 6.98 -39.83
C ALA A 314 -32.58 6.95 -40.57
N GLU A 315 -33.07 8.09 -40.97
CA GLU A 315 -34.37 8.21 -41.67
C GLU A 315 -34.32 7.55 -43.04
N GLU A 316 -33.22 7.69 -43.78
CA GLU A 316 -33.11 6.94 -45.03
C GLU A 316 -33.00 5.46 -44.80
N SER A 317 -32.30 5.04 -43.74
CA SER A 317 -32.20 3.64 -43.38
C SER A 317 -33.60 3.11 -43.01
N TYR A 318 -34.32 3.90 -42.25
CA TYR A 318 -35.64 3.57 -41.72
C TYR A 318 -36.66 3.35 -42.86
N LYS A 319 -36.58 4.14 -43.91
CA LYS A 319 -37.44 3.86 -45.10
C LYS A 319 -37.18 2.49 -45.70
N ILE A 320 -35.89 2.11 -45.80
CA ILE A 320 -35.53 0.80 -46.30
C ILE A 320 -36.02 -0.28 -45.36
N VAL A 321 -35.81 -0.11 -44.05
CA VAL A 321 -36.23 -1.09 -43.07
C VAL A 321 -37.77 -1.32 -43.22
N CYS A 322 -38.51 -0.24 -43.23
CA CYS A 322 -39.98 -0.31 -43.34
C CYS A 322 -40.47 -1.14 -44.52
N GLU A 323 -39.94 -0.92 -45.71
CA GLU A 323 -40.28 -1.70 -46.87
C GLU A 323 -39.90 -3.17 -46.79
N GLU A 324 -38.77 -3.47 -46.11
CA GLU A 324 -38.46 -4.86 -45.83
C GLU A 324 -39.56 -5.53 -45.03
N TYR A 325 -40.01 -4.85 -43.99
CA TYR A 325 -40.97 -5.48 -43.08
C TYR A 325 -42.44 -5.24 -43.53
N GLY A 326 -42.61 -4.68 -44.70
CA GLY A 326 -43.95 -4.46 -45.27
C GLY A 326 -44.73 -3.32 -44.65
N GLU A 327 -44.02 -2.31 -44.13
CA GLU A 327 -44.66 -1.25 -43.38
C GLU A 327 -44.48 0.06 -44.11
N ARG A 328 -45.41 1.01 -43.93
CA ARG A 328 -45.21 2.32 -44.58
C ARG A 328 -44.44 3.13 -43.53
N PRO A 329 -43.53 3.95 -43.98
CA PRO A 329 -42.71 4.73 -43.06
C PRO A 329 -43.49 5.89 -42.46
N ARG A 330 -43.31 6.19 -41.19
CA ARG A 330 -43.87 7.32 -40.54
C ARG A 330 -43.10 8.56 -41.02
N VAL A 331 -43.68 9.67 -40.64
CA VAL A 331 -43.16 10.96 -41.15
C VAL A 331 -42.03 11.47 -40.29
N HIS A 332 -41.22 12.37 -40.84
CA HIS A 332 -40.11 12.99 -40.17
C HIS A 332 -40.36 13.44 -38.75
N SER A 333 -41.44 14.19 -38.46
CA SER A 333 -41.69 14.68 -37.11
C SER A 333 -41.99 13.56 -36.13
N GLN A 334 -42.62 12.50 -36.66
CA GLN A 334 -42.83 11.32 -35.82
C GLN A 334 -41.46 10.67 -35.50
N LEU A 335 -40.55 10.63 -36.47
CA LEU A 335 -39.25 9.96 -36.16
C LEU A 335 -38.49 10.68 -35.05
N TRP A 336 -38.59 12.00 -35.13
CA TRP A 336 -38.06 12.94 -34.15
C TRP A 336 -38.52 12.68 -32.76
N SER A 337 -39.82 12.41 -32.53
CA SER A 337 -40.27 12.05 -31.21
C SER A 337 -39.76 10.66 -30.84
N TYR A 338 -39.70 9.72 -31.78
CA TYR A 338 -39.14 8.42 -31.39
C TYR A 338 -37.69 8.62 -30.94
N LEU A 339 -36.93 9.44 -31.69
CA LEU A 339 -35.53 9.64 -31.26
C LEU A 339 -35.43 10.26 -29.87
N ASN A 340 -36.29 11.25 -29.61
CA ASN A 340 -36.37 11.81 -28.26
C ASN A 340 -36.63 10.78 -27.19
N ASP A 341 -37.58 9.87 -27.45
CA ASP A 341 -37.88 8.83 -26.46
C ASP A 341 -36.72 7.86 -26.27
N LEU A 342 -36.08 7.43 -27.36
CA LEU A 342 -34.92 6.51 -27.24
C LEU A 342 -33.80 7.22 -26.48
N ARG A 343 -33.62 8.51 -26.71
CA ARG A 343 -32.58 9.24 -25.96
C ARG A 343 -32.93 9.32 -24.47
N GLU A 344 -34.18 9.63 -24.15
CA GLU A 344 -34.66 9.72 -22.75
C GLU A 344 -34.50 8.41 -22.03
N LYS A 345 -34.66 7.28 -22.75
CA LYS A 345 -34.48 5.99 -22.10
C LYS A 345 -33.02 5.54 -22.04
N GLY A 346 -32.06 6.28 -22.60
CA GLY A 346 -30.66 5.81 -22.49
C GLY A 346 -30.33 4.75 -23.51
N ILE A 347 -31.21 4.55 -24.53
CA ILE A 347 -30.95 3.54 -25.55
C ILE A 347 -29.97 4.01 -26.58
N VAL A 348 -30.07 5.31 -26.93
CA VAL A 348 -29.21 5.97 -27.91
C VAL A 348 -28.66 7.25 -27.28
N GLU A 349 -27.54 7.77 -27.77
CA GLU A 349 -27.10 9.08 -27.28
C GLU A 349 -27.11 10.04 -28.44
N THR A 350 -27.41 11.31 -28.26
CA THR A 350 -27.38 12.21 -29.42
C THR A 350 -26.52 13.42 -29.10
N ARG A 351 -26.01 14.08 -30.12
CA ARG A 351 -25.22 15.29 -29.92
C ARG A 351 -25.54 16.18 -31.15
N GLN A 352 -25.39 17.46 -30.95
CA GLN A 352 -25.54 18.41 -32.05
C GLN A 352 -24.24 18.47 -32.83
N ASN A 353 -24.34 18.59 -34.13
CA ASN A 353 -23.19 18.77 -35.02
C ASN A 353 -22.89 20.27 -35.14
N THR A 363 -27.63 18.30 -38.46
CA THR A 363 -27.04 18.75 -37.22
C THR A 363 -27.22 17.74 -36.08
N THR A 364 -28.18 16.81 -36.14
CA THR A 364 -28.30 15.89 -35.00
C THR A 364 -27.51 14.63 -35.26
N LEU A 365 -26.67 14.20 -34.29
CA LEU A 365 -25.88 13.02 -34.46
C LEU A 365 -26.37 11.95 -33.49
N ILE A 366 -26.31 10.70 -33.95
CA ILE A 366 -26.80 9.62 -33.09
C ILE A 366 -25.75 8.55 -32.90
N SER A 367 -25.68 8.08 -31.65
CA SER A 367 -24.76 6.97 -31.38
C SER A 367 -25.44 5.95 -30.51
N ILE A 368 -25.03 4.72 -30.59
CA ILE A 368 -25.44 3.69 -29.65
C ILE A 368 -24.08 3.26 -29.01
N GLY A 369 -23.86 3.69 -27.77
CA GLY A 369 -22.55 3.36 -27.17
C GLY A 369 -22.60 2.27 -26.13
N THR A 370 -23.80 1.88 -25.68
CA THR A 370 -23.87 0.93 -24.57
C THR A 370 -24.08 -0.54 -24.89
N GLU A 371 -24.27 -0.90 -26.15
CA GLU A 371 -24.51 -2.30 -26.49
C GLU A 371 -23.93 -2.70 -27.83
N PRO A 372 -23.24 -3.82 -27.92
CA PRO A 372 -22.64 -4.29 -29.16
C PRO A 372 -23.77 -4.45 -30.19
N LEU A 373 -23.58 -4.01 -31.41
CA LEU A 373 -24.69 -3.95 -32.37
C LEU A 373 -25.19 -5.27 -32.91
N ASP A 374 -24.38 -6.33 -32.88
CA ASP A 374 -24.81 -7.60 -33.43
C ASP A 374 -25.87 -8.22 -32.53
N THR A 375 -25.69 -8.04 -31.23
CA THR A 375 -26.62 -8.61 -30.27
C THR A 375 -27.86 -7.72 -30.12
N LEU A 376 -27.71 -6.41 -30.25
CA LEU A 376 -28.86 -5.51 -30.16
C LEU A 376 -29.78 -5.77 -31.36
N GLU A 377 -29.17 -5.75 -32.53
CA GLU A 377 -29.75 -6.07 -33.81
C GLU A 377 -30.52 -7.38 -33.80
N ALA A 378 -30.02 -8.43 -33.20
CA ALA A 378 -30.72 -9.69 -33.06
C ALA A 378 -31.93 -9.58 -32.14
N VAL A 379 -31.81 -8.92 -31.00
CA VAL A 379 -32.93 -8.85 -30.07
C VAL A 379 -34.07 -7.98 -30.63
N ILE A 380 -33.70 -6.90 -31.29
CA ILE A 380 -34.73 -5.99 -31.83
C ILE A 380 -35.45 -6.67 -33.00
N THR A 381 -34.69 -7.31 -33.86
CA THR A 381 -35.24 -8.07 -34.98
C THR A 381 -36.20 -9.17 -34.51
N LYS A 382 -35.80 -9.90 -33.48
CA LYS A 382 -36.69 -10.91 -32.90
C LYS A 382 -38.04 -10.25 -32.51
N LEU A 383 -37.98 -9.18 -31.70
CA LEU A 383 -39.17 -8.51 -31.23
C LEU A 383 -40.04 -7.96 -32.36
N ILE A 384 -39.46 -7.37 -33.39
CA ILE A 384 -40.23 -6.89 -34.52
C ILE A 384 -40.95 -8.04 -35.24
N LYS A 385 -40.22 -9.12 -35.46
CA LYS A 385 -40.73 -10.30 -36.11
C LYS A 385 -41.90 -10.87 -35.33
N GLU A 386 -41.78 -10.93 -34.00
CA GLU A 386 -42.89 -11.44 -33.24
C GLU A 386 -44.12 -10.54 -33.37
N GLU A 387 -43.94 -9.21 -33.27
CA GLU A 387 -45.10 -8.30 -33.34
C GLU A 387 -45.73 -8.42 -34.72
N LEU A 388 -44.95 -8.62 -35.77
CA LEU A 388 -45.49 -8.67 -37.12
C LEU A 388 -45.73 -10.05 -37.69
N ARG A 389 -45.80 -11.07 -36.90
CA ARG A 389 -45.66 -12.50 -37.10
C ARG A 389 -46.40 -13.25 -38.18
N ALA B 2 16.20 17.63 20.21
CA ALA B 2 15.55 16.29 20.25
C ALA B 2 16.60 15.23 19.88
N ILE B 3 16.42 14.01 20.31
CA ILE B 3 17.36 12.93 19.91
C ILE B 3 17.02 12.43 18.51
N VAL B 4 15.73 12.20 18.30
CA VAL B 4 15.27 11.69 17.02
C VAL B 4 15.10 12.90 16.08
N VAL B 5 15.91 12.93 15.05
CA VAL B 5 15.88 14.06 14.12
C VAL B 5 15.20 13.69 12.80
N ASP B 6 15.27 12.41 12.43
CA ASP B 6 14.53 11.95 11.27
C ASP B 6 13.93 10.60 11.58
N ASP B 7 12.65 10.57 11.98
CA ASP B 7 12.07 9.28 12.36
C ASP B 7 11.83 8.37 11.17
N SER B 8 11.83 8.87 9.92
CA SER B 8 11.59 7.95 8.79
C SER B 8 12.70 6.95 8.59
N VAL B 9 13.90 7.21 9.10
CA VAL B 9 15.04 6.28 9.06
C VAL B 9 14.72 5.02 9.85
N PHE B 10 13.79 5.06 10.82
CA PHE B 10 13.46 3.92 11.65
C PHE B 10 12.22 3.19 11.19
N SER B 11 11.55 3.71 10.17
CA SER B 11 10.40 3.05 9.58
C SER B 11 10.79 1.78 8.82
N PRO B 12 9.93 0.77 8.84
CA PRO B 12 10.11 -0.48 8.12
C PRO B 12 10.26 -0.32 6.63
N SER B 13 9.70 0.77 6.10
CA SER B 13 9.74 1.04 4.68
C SER B 13 11.04 1.72 4.25
N TYR B 14 11.83 2.22 5.21
CA TYR B 14 13.01 2.93 4.76
C TYR B 14 14.06 1.99 4.15
N VAL B 15 14.62 2.48 3.06
CA VAL B 15 15.68 1.75 2.36
C VAL B 15 16.93 2.59 2.46
N PRO B 16 17.90 2.14 3.24
CA PRO B 16 19.10 2.95 3.43
C PRO B 16 19.89 3.06 2.15
N LYS B 17 20.80 4.03 2.19
CA LYS B 17 21.80 4.25 1.17
C LYS B 17 22.65 3.02 1.01
N ARG B 18 23.17 2.43 2.11
CA ARG B 18 23.98 1.26 1.96
C ARG B 18 23.38 0.12 2.78
N LEU B 19 23.77 -1.07 2.43
CA LEU B 19 23.39 -2.31 3.10
C LEU B 19 24.70 -3.06 3.42
N PRO B 20 25.33 -2.65 4.54
CA PRO B 20 26.59 -3.28 4.93
C PRO B 20 26.30 -4.72 5.15
N HIS B 21 27.21 -5.65 4.82
CA HIS B 21 27.17 -7.07 5.04
C HIS B 21 26.16 -7.78 4.13
N ARG B 22 25.61 -7.02 3.18
CA ARG B 22 24.75 -7.65 2.15
C ARG B 22 25.30 -7.43 0.76
N GLU B 23 26.53 -6.96 0.67
CA GLU B 23 27.23 -6.78 -0.61
C GLU B 23 27.23 -8.07 -1.43
N GLN B 24 27.46 -9.24 -0.83
CA GLN B 24 27.46 -10.49 -1.54
C GLN B 24 26.10 -10.85 -2.15
N GLN B 25 25.08 -10.91 -1.31
CA GLN B 25 23.71 -11.16 -1.77
C GLN B 25 23.21 -10.17 -2.80
N LEU B 26 23.54 -8.91 -2.68
CA LEU B 26 23.18 -7.94 -3.72
C LEU B 26 23.87 -8.27 -5.04
N GLN B 27 25.17 -8.65 -4.97
CA GLN B 27 25.84 -9.05 -6.18
C GLN B 27 25.21 -10.30 -6.78
N GLN B 28 24.88 -11.30 -5.99
CA GLN B 28 24.26 -12.54 -6.43
C GLN B 28 22.92 -12.26 -7.13
N LEU B 29 22.18 -11.30 -6.57
CA LEU B 29 20.94 -10.87 -7.25
C LEU B 29 21.24 -10.08 -8.51
N ASP B 30 22.25 -9.21 -8.49
CA ASP B 30 22.57 -8.47 -9.71
C ASP B 30 23.04 -9.40 -10.85
N ILE B 31 23.74 -10.47 -10.51
CA ILE B 31 24.24 -11.42 -11.50
C ILE B 31 23.08 -12.26 -12.04
N LEU B 32 22.15 -12.64 -11.20
CA LEU B 32 20.97 -13.34 -11.69
C LEU B 32 19.99 -12.47 -12.46
N LEU B 33 19.80 -11.21 -12.08
CA LEU B 33 18.74 -10.43 -12.72
C LEU B 33 19.21 -9.34 -13.63
N GLY B 34 20.45 -8.85 -13.52
CA GLY B 34 20.85 -7.59 -14.17
C GLY B 34 20.80 -7.56 -15.69
N ASN B 35 21.27 -8.61 -16.33
CA ASN B 35 21.24 -8.65 -17.80
C ASN B 35 19.77 -8.71 -18.28
N TRP B 36 18.96 -9.54 -17.65
CA TRP B 36 17.52 -9.56 -18.01
C TRP B 36 16.84 -8.23 -17.79
N LEU B 37 17.07 -7.52 -16.66
CA LEU B 37 16.50 -6.21 -16.50
C LEU B 37 16.87 -5.22 -17.59
N ARG B 38 18.10 -5.27 -18.09
CA ARG B 38 18.60 -4.39 -19.13
C ARG B 38 18.04 -4.71 -20.51
N ASN B 39 17.80 -5.98 -20.75
CA ASN B 39 17.28 -6.47 -22.02
C ASN B 39 16.54 -7.76 -21.76
N PRO B 40 15.25 -7.68 -21.39
CA PRO B 40 14.51 -8.84 -20.96
C PRO B 40 14.08 -9.76 -22.09
N GLY B 41 13.81 -10.99 -21.76
CA GLY B 41 13.21 -11.95 -22.64
C GLY B 41 13.98 -13.15 -23.13
N HIS B 42 15.30 -13.20 -22.93
CA HIS B 42 16.18 -14.20 -23.58
C HIS B 42 16.54 -15.40 -22.76
N HIS B 43 16.13 -15.42 -21.48
CA HIS B 43 16.28 -16.56 -20.59
C HIS B 43 15.43 -16.28 -19.33
N TYR B 44 15.19 -17.27 -18.52
CA TYR B 44 14.42 -17.19 -17.32
C TYR B 44 15.23 -17.07 -16.02
N PRO B 45 15.30 -15.87 -15.50
CA PRO B 45 15.95 -15.63 -14.21
C PRO B 45 15.03 -16.02 -13.07
N ARG B 46 15.53 -16.77 -12.09
CA ARG B 46 14.73 -17.11 -10.93
C ARG B 46 15.69 -17.32 -9.75
N ALA B 47 15.18 -17.19 -8.54
CA ALA B 47 16.06 -17.42 -7.38
C ALA B 47 15.16 -17.51 -6.15
N THR B 48 15.68 -18.16 -5.13
CA THR B 48 15.03 -18.29 -3.85
C THR B 48 15.95 -17.65 -2.82
N LEU B 49 15.35 -16.81 -1.99
CA LEU B 49 16.12 -16.11 -0.94
C LEU B 49 15.72 -16.78 0.35
N LEU B 50 16.66 -17.31 1.12
CA LEU B 50 16.31 -17.97 2.38
C LEU B 50 17.07 -17.33 3.53
N GLY B 51 16.37 -17.11 4.62
CA GLY B 51 17.04 -16.64 5.85
C GLY B 51 15.96 -16.33 6.88
N ARG B 52 16.31 -16.33 8.14
CA ARG B 52 15.33 -16.01 9.18
C ARG B 52 14.85 -14.56 9.09
N PRO B 53 13.81 -14.22 9.85
CA PRO B 53 13.22 -12.90 9.88
C PRO B 53 14.27 -11.84 10.24
N GLY B 54 14.33 -10.77 9.43
CA GLY B 54 15.17 -9.65 9.75
C GLY B 54 16.62 -9.81 9.30
N THR B 55 16.84 -10.64 8.26
CA THR B 55 18.17 -10.87 7.73
C THR B 55 18.38 -10.06 6.46
N GLY B 56 17.45 -9.14 6.16
CA GLY B 56 17.65 -8.25 5.00
C GLY B 56 17.19 -8.86 3.67
N LYS B 57 16.29 -9.83 3.65
CA LYS B 57 15.87 -10.37 2.34
C LYS B 57 15.09 -9.37 1.51
N THR B 58 14.07 -8.77 2.18
CA THR B 58 13.21 -7.80 1.50
C THR B 58 13.94 -6.54 1.15
N VAL B 59 14.77 -6.04 2.10
CA VAL B 59 15.39 -4.76 1.74
C VAL B 59 16.43 -4.95 0.61
N THR B 60 17.11 -6.07 0.58
CA THR B 60 18.11 -6.32 -0.46
C THR B 60 17.46 -6.39 -1.85
N LEU B 61 16.27 -7.00 -1.93
CA LEU B 61 15.53 -7.04 -3.19
C LEU B 61 15.22 -5.60 -3.66
N ARG B 62 14.75 -4.82 -2.69
CA ARG B 62 14.28 -3.43 -2.88
C ARG B 62 15.42 -2.54 -3.31
N LYS B 63 16.58 -2.77 -2.74
CA LYS B 63 17.75 -2.01 -3.13
C LYS B 63 18.10 -2.39 -4.58
N LEU B 64 18.07 -3.68 -4.85
CA LEU B 64 18.30 -4.12 -6.25
C LEU B 64 17.31 -3.45 -7.21
N TRP B 65 16.03 -3.43 -6.88
CA TRP B 65 15.07 -2.69 -7.73
C TRP B 65 15.42 -1.24 -7.92
N GLU B 66 15.79 -0.58 -6.80
CA GLU B 66 16.12 0.83 -6.77
C GLU B 66 17.29 1.10 -7.70
N LEU B 67 18.25 0.18 -7.85
CA LEU B 67 19.33 0.46 -8.79
C LEU B 67 18.93 0.31 -10.25
N TYR B 68 17.89 -0.46 -10.55
CA TYR B 68 17.52 -0.71 -11.95
C TYR B 68 16.28 0.02 -12.43
N LYS B 69 15.49 0.56 -11.51
CA LYS B 69 14.18 1.09 -11.82
C LYS B 69 14.15 2.15 -12.93
N ASP B 70 15.14 2.97 -13.13
CA ASP B 70 15.21 3.95 -14.20
C ASP B 70 15.94 3.41 -15.43
N LYS B 71 16.31 2.14 -15.46
CA LYS B 71 17.07 1.57 -16.55
C LYS B 71 16.43 0.32 -17.14
N THR B 72 15.17 0.06 -16.81
CA THR B 72 14.59 -1.19 -17.28
C THR B 72 13.16 -0.94 -17.77
N THR B 73 12.68 -1.76 -18.67
CA THR B 73 11.27 -1.69 -19.09
C THR B 73 10.49 -2.67 -18.27
N ALA B 74 11.18 -3.53 -17.49
CA ALA B 74 10.47 -4.55 -16.74
C ALA B 74 9.62 -3.91 -15.65
N ARG B 75 8.56 -4.60 -15.26
CA ARG B 75 7.63 -4.02 -14.30
C ARG B 75 7.87 -4.81 -13.01
N PHE B 76 8.11 -4.09 -11.93
CA PHE B 76 8.27 -4.78 -10.64
C PHE B 76 6.92 -5.03 -9.99
N VAL B 77 6.62 -6.28 -9.73
CA VAL B 77 5.39 -6.77 -9.21
C VAL B 77 5.71 -7.53 -7.92
N TYR B 78 5.49 -6.78 -6.83
CA TYR B 78 5.82 -7.25 -5.48
C TYR B 78 4.62 -7.82 -4.77
N ILE B 79 4.63 -9.08 -4.43
CA ILE B 79 3.54 -9.76 -3.78
C ILE B 79 3.97 -10.18 -2.38
N ASN B 80 3.35 -9.59 -1.37
CA ASN B 80 3.64 -9.97 0.01
C ASN B 80 2.76 -11.15 0.36
N GLY B 81 3.34 -12.33 0.51
CA GLY B 81 2.64 -13.58 0.73
C GLY B 81 2.00 -13.64 2.11
N PHE B 82 2.35 -12.74 3.01
CA PHE B 82 1.67 -12.61 4.29
C PHE B 82 0.23 -12.11 4.08
N ILE B 83 0.06 -11.19 3.14
CA ILE B 83 -1.20 -10.55 2.84
C ILE B 83 -1.97 -11.27 1.74
N TYR B 84 -1.32 -11.54 0.63
CA TYR B 84 -1.94 -12.23 -0.50
C TYR B 84 -1.53 -13.69 -0.47
N ARG B 85 -2.41 -14.54 0.03
CA ARG B 85 -2.12 -15.92 0.33
C ARG B 85 -2.67 -16.95 -0.63
N ASN B 86 -3.85 -16.71 -1.19
CA ASN B 86 -4.35 -17.72 -2.13
C ASN B 86 -4.26 -17.18 -3.54
N PHE B 87 -4.38 -18.07 -4.51
CA PHE B 87 -4.29 -17.72 -5.92
C PHE B 87 -5.10 -16.50 -6.35
N THR B 88 -6.37 -16.43 -5.94
CA THR B 88 -7.24 -15.33 -6.33
C THR B 88 -6.74 -14.01 -5.78
N ALA B 89 -6.30 -14.01 -4.53
CA ALA B 89 -5.72 -12.78 -3.98
C ALA B 89 -4.45 -12.40 -4.75
N ILE B 90 -3.65 -13.40 -5.10
CA ILE B 90 -2.37 -13.13 -5.78
C ILE B 90 -2.54 -12.62 -7.18
N ILE B 91 -3.37 -13.34 -7.97
CA ILE B 91 -3.61 -12.91 -9.33
C ILE B 91 -4.28 -11.55 -9.31
N GLY B 92 -5.12 -11.23 -8.33
CA GLY B 92 -5.73 -9.89 -8.27
C GLY B 92 -4.74 -8.75 -8.06
N GLU B 93 -3.77 -8.93 -7.12
CA GLU B 93 -2.74 -7.89 -6.96
C GLU B 93 -1.82 -7.84 -8.16
N ILE B 94 -1.52 -8.98 -8.81
CA ILE B 94 -0.67 -8.90 -10.03
C ILE B 94 -1.34 -8.08 -11.08
N ALA B 95 -2.66 -8.45 -11.27
CA ALA B 95 -3.48 -7.69 -12.22
C ALA B 95 -3.53 -6.22 -11.92
N ARG B 96 -3.78 -5.84 -10.66
CA ARG B 96 -3.79 -4.42 -10.34
C ARG B 96 -2.43 -3.76 -10.56
N SER B 97 -1.35 -4.48 -10.16
CA SER B 97 -0.01 -3.93 -10.42
C SER B 97 0.25 -3.79 -11.90
N LEU B 98 -0.23 -4.70 -12.77
CA LEU B 98 0.03 -4.53 -14.22
C LEU B 98 -1.12 -3.87 -14.99
N ASN B 99 -2.14 -3.35 -14.31
CA ASN B 99 -3.28 -2.69 -14.93
C ASN B 99 -4.02 -3.62 -15.90
N ILE B 100 -4.35 -4.80 -15.44
CA ILE B 100 -5.07 -5.78 -16.24
C ILE B 100 -6.55 -5.68 -15.83
N PRO B 101 -7.40 -5.14 -16.67
CA PRO B 101 -8.83 -5.06 -16.33
C PRO B 101 -9.43 -6.45 -16.19
N PHE B 102 -10.31 -6.66 -15.23
CA PHE B 102 -11.00 -7.95 -15.16
C PHE B 102 -12.33 -7.88 -15.92
N PRO B 103 -12.78 -9.04 -16.39
CA PRO B 103 -14.12 -9.21 -16.94
C PRO B 103 -15.15 -9.12 -15.85
N ARG B 104 -16.41 -8.86 -16.22
CA ARG B 104 -17.44 -8.86 -15.17
C ARG B 104 -17.72 -10.31 -14.77
N ARG B 105 -17.59 -11.27 -15.67
CA ARG B 105 -17.84 -12.67 -15.34
C ARG B 105 -16.76 -13.26 -14.43
N GLY B 106 -17.15 -14.14 -13.51
CA GLY B 106 -16.19 -14.78 -12.62
C GLY B 106 -15.23 -15.63 -13.44
N LEU B 107 -13.94 -15.57 -13.09
CA LEU B 107 -12.94 -16.32 -13.86
C LEU B 107 -12.39 -17.49 -13.05
N SER B 108 -12.07 -18.58 -13.71
CA SER B 108 -11.50 -19.73 -13.00
C SER B 108 -9.99 -19.48 -12.86
N ARG B 109 -9.32 -20.37 -12.13
CA ARG B 109 -7.87 -20.25 -11.95
C ARG B 109 -7.16 -20.21 -13.29
N ASP B 110 -7.55 -21.15 -14.16
CA ASP B 110 -7.00 -21.27 -15.50
C ASP B 110 -7.30 -20.06 -16.35
N GLU B 111 -8.53 -19.56 -16.29
CA GLU B 111 -8.87 -18.36 -17.07
C GLU B 111 -8.07 -17.17 -16.52
N PHE B 112 -7.94 -17.09 -15.20
CA PHE B 112 -7.11 -15.99 -14.65
C PHE B 112 -5.69 -16.04 -15.20
N LEU B 113 -5.09 -17.24 -15.13
CA LEU B 113 -3.77 -17.46 -15.70
C LEU B 113 -3.70 -17.10 -17.16
N ALA B 114 -4.70 -17.50 -17.99
CA ALA B 114 -4.64 -17.15 -19.40
C ALA B 114 -4.76 -15.66 -19.64
N LEU B 115 -5.59 -14.97 -18.84
CA LEU B 115 -5.69 -13.50 -18.96
C LEU B 115 -4.32 -12.86 -18.68
N LEU B 116 -3.65 -13.35 -17.64
CA LEU B 116 -2.27 -12.86 -17.34
C LEU B 116 -1.36 -13.06 -18.53
N VAL B 117 -1.34 -14.31 -19.03
CA VAL B 117 -0.50 -14.56 -20.22
C VAL B 117 -0.87 -13.65 -21.35
N GLU B 118 -2.20 -13.50 -21.61
CA GLU B 118 -2.60 -12.67 -22.75
C GLU B 118 -2.06 -11.26 -22.65
N HIS B 119 -2.25 -10.65 -21.45
CA HIS B 119 -1.77 -9.26 -21.31
C HIS B 119 -0.25 -9.19 -21.41
N LEU B 120 0.45 -10.16 -20.83
CA LEU B 120 1.93 -10.13 -20.92
C LEU B 120 2.41 -10.25 -22.36
N ARG B 121 1.75 -11.12 -23.15
CA ARG B 121 2.11 -11.21 -24.59
C ARG B 121 1.64 -10.03 -25.40
N GLU B 122 0.35 -9.66 -25.30
CA GLU B 122 -0.17 -8.57 -26.12
C GLU B 122 0.31 -7.16 -25.87
N ARG B 123 0.66 -6.85 -24.60
CA ARG B 123 1.17 -5.51 -24.32
C ARG B 123 2.70 -5.63 -24.21
N ASP B 124 3.23 -6.78 -24.61
CA ASP B 124 4.66 -7.07 -24.70
C ASP B 124 5.33 -6.70 -23.36
N LEU B 125 4.82 -7.29 -22.28
CA LEU B 125 5.28 -6.84 -20.96
C LEU B 125 6.39 -7.78 -20.46
N TYR B 126 7.17 -7.24 -19.53
CA TYR B 126 8.18 -8.05 -18.81
C TYR B 126 7.98 -7.78 -17.32
N MET B 127 7.70 -8.81 -16.58
CA MET B 127 7.41 -8.74 -15.18
C MET B 127 8.60 -9.34 -14.38
N PHE B 128 9.00 -8.56 -13.40
CA PHE B 128 9.89 -9.07 -12.33
C PHE B 128 8.94 -9.33 -11.16
N LEU B 129 8.62 -10.58 -10.97
CA LEU B 129 7.67 -10.98 -9.96
C LEU B 129 8.33 -11.46 -8.69
N VAL B 130 7.99 -10.80 -7.59
CA VAL B 130 8.47 -11.23 -6.29
C VAL B 130 7.39 -11.81 -5.41
N LEU B 131 7.59 -13.05 -5.00
CA LEU B 131 6.70 -13.70 -4.06
C LEU B 131 7.35 -13.72 -2.69
N ASP B 132 7.22 -12.60 -1.96
CA ASP B 132 7.86 -12.46 -0.65
C ASP B 132 7.06 -13.21 0.40
N ASP B 133 7.73 -13.64 1.47
CA ASP B 133 7.14 -14.46 2.51
C ASP B 133 6.27 -15.53 1.86
N ALA B 134 6.92 -16.34 1.00
CA ALA B 134 6.23 -17.32 0.21
C ALA B 134 5.98 -18.62 0.96
N PHE B 135 6.47 -18.80 2.18
CA PHE B 135 6.15 -19.96 3.00
C PHE B 135 4.70 -19.92 3.48
N ASN B 136 4.06 -18.75 3.40
CA ASN B 136 2.66 -18.53 3.60
C ASN B 136 1.77 -19.09 2.49
N LEU B 137 2.33 -19.49 1.34
CA LEU B 137 1.55 -19.93 0.21
C LEU B 137 1.41 -21.45 0.11
N ALA B 138 0.27 -21.89 -0.44
CA ALA B 138 0.15 -23.33 -0.73
C ALA B 138 1.17 -23.64 -1.81
N PRO B 139 1.85 -24.78 -1.68
CA PRO B 139 2.87 -25.20 -2.62
C PRO B 139 2.46 -25.28 -4.08
N ASP B 140 1.20 -25.44 -4.43
CA ASP B 140 0.76 -25.45 -5.82
C ASP B 140 0.73 -24.05 -6.41
N ILE B 141 0.49 -23.05 -5.55
CA ILE B 141 0.56 -21.65 -5.96
C ILE B 141 2.00 -21.38 -6.38
N LEU B 142 2.97 -21.77 -5.55
CA LEU B 142 4.37 -21.60 -5.92
C LEU B 142 4.75 -22.24 -7.24
N SER B 143 4.41 -23.51 -7.43
CA SER B 143 4.67 -24.25 -8.65
C SER B 143 4.10 -23.62 -9.92
N THR B 144 2.83 -23.21 -9.84
CA THR B 144 2.20 -22.52 -10.96
C THR B 144 3.05 -21.32 -11.38
N PHE B 145 3.49 -20.48 -10.42
CA PHE B 145 4.32 -19.36 -10.88
C PHE B 145 5.72 -19.81 -11.27
N ILE B 146 6.26 -20.81 -10.58
CA ILE B 146 7.61 -21.27 -10.98
C ILE B 146 7.60 -21.84 -12.39
N ARG B 147 6.56 -22.58 -12.73
CA ARG B 147 6.42 -23.20 -14.05
C ARG B 147 6.06 -22.21 -15.14
N LEU B 148 5.22 -21.23 -14.84
CA LEU B 148 4.82 -20.19 -15.78
C LEU B 148 5.98 -19.47 -16.42
N GLY B 149 7.05 -19.13 -15.68
CA GLY B 149 8.17 -18.43 -16.27
C GLY B 149 8.96 -19.17 -17.35
N GLN B 150 8.95 -20.49 -17.37
CA GLN B 150 9.67 -21.32 -18.32
C GLN B 150 9.06 -21.35 -19.70
N GLU B 151 7.73 -21.32 -19.74
CA GLU B 151 6.92 -21.38 -20.94
C GLU B 151 7.04 -20.21 -21.88
N ALA B 152 8.20 -20.02 -22.51
CA ALA B 152 8.40 -18.91 -23.42
C ALA B 152 7.56 -18.95 -24.69
N ASP B 153 7.06 -20.12 -25.10
CA ASP B 153 6.30 -20.08 -26.36
C ASP B 153 4.88 -19.60 -26.09
N LYS B 154 4.34 -19.89 -24.91
CA LYS B 154 3.05 -19.34 -24.53
C LYS B 154 3.13 -17.84 -24.29
N LEU B 155 4.22 -17.37 -23.67
CA LEU B 155 4.36 -15.95 -23.37
C LEU B 155 4.86 -15.14 -24.53
N GLY B 156 5.47 -15.88 -25.48
CA GLY B 156 6.07 -15.19 -26.64
C GLY B 156 7.53 -14.85 -26.36
N ALA B 157 8.00 -15.10 -25.14
CA ALA B 157 9.32 -14.74 -24.68
C ALA B 157 9.43 -15.11 -23.21
N PHE B 158 10.66 -14.99 -22.67
CA PHE B 158 10.84 -15.29 -21.25
C PHE B 158 10.46 -14.00 -20.51
N ARG B 159 9.14 -13.82 -20.33
CA ARG B 159 8.59 -12.52 -19.96
C ARG B 159 8.59 -12.34 -18.45
N ILE B 160 9.00 -13.35 -17.69
CA ILE B 160 8.96 -13.34 -16.26
C ILE B 160 10.33 -13.63 -15.58
N ALA B 161 10.73 -12.77 -14.66
CA ALA B 161 11.87 -13.06 -13.75
C ALA B 161 11.22 -13.22 -12.38
N LEU B 162 11.43 -14.31 -11.69
CA LEU B 162 10.82 -14.65 -10.44
C LEU B 162 11.79 -14.82 -9.26
N VAL B 163 11.45 -14.20 -8.15
CA VAL B 163 12.17 -14.44 -6.90
C VAL B 163 11.15 -14.82 -5.82
N ILE B 164 11.39 -15.92 -5.14
CA ILE B 164 10.57 -16.36 -4.04
C ILE B 164 11.40 -16.29 -2.75
N VAL B 165 10.71 -16.03 -1.64
CA VAL B 165 11.40 -15.72 -0.39
C VAL B 165 10.88 -16.61 0.73
N GLY B 166 11.82 -17.25 1.45
CA GLY B 166 11.41 -18.10 2.57
C GLY B 166 12.42 -18.03 3.71
N HIS B 167 12.12 -18.76 4.79
CA HIS B 167 13.00 -18.81 5.94
C HIS B 167 14.08 -19.87 5.82
N ASN B 168 13.75 -21.00 5.24
CA ASN B 168 14.69 -22.12 5.18
C ASN B 168 14.29 -22.99 3.98
N ASP B 169 14.86 -24.17 3.89
CA ASP B 169 14.69 -25.05 2.74
C ASP B 169 13.35 -25.74 2.64
N ALA B 170 12.48 -25.69 3.64
CA ALA B 170 11.13 -26.21 3.58
C ALA B 170 10.29 -25.61 2.47
N VAL B 171 10.51 -24.34 2.13
CA VAL B 171 9.78 -23.71 1.04
C VAL B 171 10.11 -24.35 -0.30
N LEU B 172 11.31 -24.86 -0.54
CA LEU B 172 11.64 -25.61 -1.73
C LEU B 172 11.35 -27.11 -1.53
N ASN B 173 11.63 -27.61 -0.32
CA ASN B 173 11.41 -29.02 -0.01
C ASN B 173 9.96 -29.47 -0.16
N ASN B 174 9.01 -28.59 0.05
CA ASN B 174 7.60 -28.90 -0.11
C ASN B 174 7.11 -28.84 -1.55
N LEU B 175 7.98 -28.45 -2.49
CA LEU B 175 7.60 -28.43 -3.89
C LEU B 175 7.79 -29.85 -4.43
N ASP B 176 7.05 -30.19 -5.48
CA ASP B 176 7.27 -31.48 -6.13
C ASP B 176 8.63 -31.42 -6.83
N PRO B 177 9.28 -32.56 -6.93
CA PRO B 177 10.61 -32.68 -7.47
C PRO B 177 10.93 -31.92 -8.73
N SER B 178 10.08 -31.92 -9.74
CA SER B 178 10.37 -31.23 -11.00
C SER B 178 10.44 -29.72 -10.81
N THR B 179 9.41 -29.20 -10.12
CA THR B 179 9.36 -27.76 -9.82
C THR B 179 10.58 -27.33 -9.05
N ARG B 180 10.95 -28.10 -8.03
CA ARG B 180 12.13 -27.88 -7.21
C ARG B 180 13.39 -27.79 -8.06
N GLY B 181 13.50 -28.65 -9.07
CA GLY B 181 14.65 -28.64 -9.97
C GLY B 181 14.82 -27.36 -10.77
N ILE B 182 13.73 -26.67 -11.06
CA ILE B 182 13.82 -25.40 -11.76
C ILE B 182 14.49 -24.31 -10.92
N MET B 183 14.17 -24.28 -9.63
CA MET B 183 14.75 -23.24 -8.78
C MET B 183 16.21 -23.58 -8.49
N GLY B 184 16.43 -24.85 -8.22
CA GLY B 184 17.63 -25.57 -8.05
C GLY B 184 18.85 -24.93 -7.45
N LYS B 185 19.77 -24.55 -8.32
CA LYS B 185 21.01 -23.92 -7.91
C LYS B 185 20.76 -22.60 -7.21
N TYR B 186 19.82 -21.83 -7.72
CA TYR B 186 19.61 -20.42 -7.51
C TYR B 186 19.16 -20.08 -6.10
N VAL B 187 19.87 -20.51 -5.06
CA VAL B 187 19.45 -20.24 -3.68
C VAL B 187 20.39 -19.20 -3.07
N ILE B 188 19.85 -18.08 -2.59
CA ILE B 188 20.64 -16.99 -2.07
C ILE B 188 20.38 -16.89 -0.55
N ARG B 189 21.41 -17.21 0.23
CA ARG B 189 21.23 -17.35 1.67
C ARG B 189 21.62 -16.13 2.46
N PHE B 190 20.78 -15.83 3.48
CA PHE B 190 20.98 -14.56 4.23
C PHE B 190 21.22 -14.98 5.68
N SER B 191 22.48 -15.07 6.13
CA SER B 191 22.63 -15.66 7.48
C SER B 191 22.30 -14.63 8.55
N PRO B 192 21.97 -15.11 9.74
CA PRO B 192 21.66 -14.24 10.87
C PRO B 192 22.81 -13.26 11.07
N TYR B 193 22.51 -11.97 11.22
CA TYR B 193 23.59 -11.00 11.36
C TYR B 193 24.36 -11.30 12.67
N THR B 194 25.68 -11.03 12.63
CA THR B 194 26.49 -11.24 13.84
C THR B 194 26.32 -10.00 14.71
N LYS B 195 26.87 -10.01 15.93
CA LYS B 195 26.82 -8.78 16.73
C LYS B 195 27.49 -7.61 16.09
N ASP B 196 28.66 -7.80 15.49
CA ASP B 196 29.39 -6.73 14.85
C ASP B 196 28.57 -6.19 13.66
N GLN B 197 27.96 -7.08 12.92
CA GLN B 197 27.17 -6.63 11.74
C GLN B 197 25.94 -5.84 12.19
N ILE B 198 25.24 -6.29 13.25
CA ILE B 198 24.11 -5.45 13.75
C ILE B 198 24.61 -4.08 14.15
N PHE B 199 25.78 -4.06 14.84
CA PHE B 199 26.38 -2.82 15.21
C PHE B 199 26.58 -1.91 14.00
N ASP B 200 27.15 -2.42 12.87
CA ASP B 200 27.36 -1.50 11.76
C ASP B 200 26.05 -0.96 11.20
N ILE B 201 25.08 -1.85 11.12
CA ILE B 201 23.72 -1.43 10.64
C ILE B 201 23.13 -0.34 11.51
N LEU B 202 23.26 -0.51 12.85
CA LEU B 202 22.72 0.50 13.74
C LEU B 202 23.50 1.81 13.72
N LEU B 203 24.79 1.76 13.46
CA LEU B 203 25.53 3.02 13.40
C LEU B 203 25.06 3.83 12.18
N ASP B 204 24.83 3.19 11.03
CA ASP B 204 24.27 3.93 9.90
C ASP B 204 22.92 4.56 10.25
N ARG B 205 22.01 3.85 10.88
CA ARG B 205 20.71 4.44 11.26
C ARG B 205 20.87 5.57 12.27
N ALA B 206 21.80 5.42 13.24
CA ALA B 206 21.93 6.51 14.26
C ALA B 206 22.51 7.74 13.58
N LYS B 207 23.52 7.54 12.70
CA LYS B 207 24.07 8.72 12.01
C LYS B 207 23.00 9.40 11.12
N ALA B 208 22.14 8.65 10.45
CA ALA B 208 21.16 9.32 9.57
C ALA B 208 19.92 9.82 10.31
N GLY B 209 19.58 9.19 11.44
CA GLY B 209 18.32 9.53 12.11
C GLY B 209 18.38 10.19 13.49
N LEU B 210 19.50 10.12 14.19
CA LEU B 210 19.58 10.70 15.52
C LEU B 210 20.48 11.93 15.53
N ALA B 211 20.29 12.78 16.55
CA ALA B 211 21.20 13.92 16.70
C ALA B 211 22.63 13.52 17.05
N GLU B 212 23.61 14.19 16.44
CA GLU B 212 25.03 13.98 16.76
C GLU B 212 25.23 14.13 18.28
N GLY B 213 25.99 13.24 18.90
CA GLY B 213 26.23 13.22 20.33
C GLY B 213 25.12 12.63 21.16
N SER B 214 24.00 12.20 20.56
CA SER B 214 22.93 11.70 21.41
C SER B 214 23.03 10.20 21.67
N TYR B 215 23.96 9.53 21.03
CA TYR B 215 24.08 8.07 21.23
C TYR B 215 25.57 7.78 21.30
N SER B 216 26.01 6.78 22.04
CA SER B 216 27.44 6.49 22.13
C SER B 216 27.61 5.18 21.38
N GLU B 217 28.83 4.83 21.00
CA GLU B 217 29.03 3.49 20.40
C GLU B 217 28.73 2.36 21.36
N ASP B 218 29.06 2.59 22.64
CA ASP B 218 28.68 1.54 23.62
C ASP B 218 27.18 1.31 23.59
N ILE B 219 26.34 2.31 23.54
CA ILE B 219 24.87 2.03 23.50
C ILE B 219 24.54 1.18 22.30
N LEU B 220 25.16 1.48 21.14
CA LEU B 220 24.84 0.63 19.97
C LEU B 220 25.33 -0.79 20.17
N GLN B 221 26.54 -0.96 20.73
CA GLN B 221 27.05 -2.30 20.98
C GLN B 221 26.16 -3.08 21.93
N MET B 222 25.60 -2.35 22.96
CA MET B 222 24.70 -3.07 23.91
C MET B 222 23.49 -3.68 23.25
N ILE B 223 22.93 -2.88 22.32
CA ILE B 223 21.77 -3.39 21.54
C ILE B 223 22.21 -4.48 20.56
N ALA B 224 23.38 -4.30 19.93
CA ALA B 224 23.96 -5.36 19.09
C ALA B 224 24.19 -6.66 19.88
N ASP B 225 24.63 -6.58 21.14
CA ASP B 225 24.91 -7.76 21.94
C ASP B 225 23.62 -8.45 22.38
N ILE B 226 22.52 -7.72 22.40
CA ILE B 226 21.23 -8.34 22.74
C ILE B 226 20.66 -9.05 21.52
N THR B 227 20.95 -8.51 20.33
CA THR B 227 20.27 -8.99 19.13
C THR B 227 21.13 -9.78 18.14
N GLY B 228 22.42 -9.57 18.12
CA GLY B 228 23.29 -10.21 17.10
C GLY B 228 23.49 -11.68 17.41
N ALA B 229 23.73 -12.49 16.41
CA ALA B 229 23.93 -13.94 16.67
C ALA B 229 25.40 -14.19 16.98
N GLN B 230 25.78 -14.98 18.00
CA GLN B 230 27.23 -15.14 18.23
C GLN B 230 27.75 -16.17 17.21
N THR B 231 26.89 -17.13 16.94
CA THR B 231 27.19 -18.22 16.00
C THR B 231 26.15 -18.25 14.90
N PRO B 232 26.59 -18.54 13.67
CA PRO B 232 25.78 -18.51 12.47
C PRO B 232 24.48 -19.26 12.61
N LEU B 233 24.47 -20.39 13.33
CA LEU B 233 23.16 -21.00 13.58
C LEU B 233 22.69 -20.72 15.00
N ASP B 234 22.97 -19.49 15.44
CA ASP B 234 22.29 -18.87 16.59
C ASP B 234 21.10 -18.16 15.93
N THR B 235 20.22 -19.00 15.42
CA THR B 235 19.15 -18.81 14.49
C THR B 235 17.96 -18.12 15.13
N ASN B 236 17.93 -18.06 16.45
CA ASN B 236 16.98 -17.28 17.21
C ASN B 236 17.37 -15.80 17.26
N ARG B 237 18.59 -15.45 16.90
CA ARG B 237 19.07 -14.07 16.87
C ARG B 237 19.52 -13.61 15.48
N GLY B 238 20.17 -12.46 15.33
CA GLY B 238 20.61 -12.00 14.01
C GLY B 238 19.53 -11.21 13.25
N ASP B 239 18.55 -10.67 13.97
CA ASP B 239 17.40 -9.96 13.39
C ASP B 239 17.58 -8.47 13.43
N ALA B 240 17.93 -7.86 12.26
CA ALA B 240 18.16 -6.42 12.25
C ALA B 240 16.90 -5.59 12.46
N ARG B 241 15.74 -6.14 12.12
CA ARG B 241 14.49 -5.37 12.41
C ARG B 241 14.29 -5.18 13.92
N LEU B 242 14.53 -6.27 14.66
CA LEU B 242 14.48 -6.13 16.14
C LEU B 242 15.53 -5.19 16.70
N ALA B 243 16.75 -5.15 16.11
CA ALA B 243 17.73 -4.21 16.64
C ALA B 243 17.33 -2.77 16.37
N ILE B 244 16.93 -2.48 15.10
CA ILE B 244 16.57 -1.10 14.76
C ILE B 244 15.37 -0.66 15.61
N ASP B 245 14.40 -1.53 15.80
CA ASP B 245 13.24 -1.23 16.65
C ASP B 245 13.69 -0.93 18.10
N ILE B 246 14.67 -1.63 18.68
CA ILE B 246 15.09 -1.30 20.05
C ILE B 246 15.83 0.02 20.08
N LEU B 247 16.67 0.30 19.07
CA LEU B 247 17.32 1.63 19.02
C LEU B 247 16.30 2.75 18.97
N TYR B 248 15.34 2.61 18.05
CA TYR B 248 14.35 3.70 17.87
C TYR B 248 13.56 3.92 19.16
N ARG B 249 13.08 2.85 19.78
CA ARG B 249 12.35 2.95 21.04
C ARG B 249 13.17 3.53 22.15
N SER B 250 14.49 3.19 22.19
CA SER B 250 15.35 3.74 23.25
C SER B 250 15.57 5.24 23.04
N ALA B 251 15.73 5.67 21.80
CA ALA B 251 15.94 7.10 21.53
C ALA B 251 14.70 7.88 21.97
N TYR B 252 13.54 7.34 21.63
CA TYR B 252 12.27 8.01 21.93
C TYR B 252 12.05 8.02 23.44
N ALA B 253 12.40 6.93 24.13
CA ALA B 253 12.28 6.87 25.58
C ALA B 253 13.16 7.90 26.22
N ALA B 254 14.43 8.01 25.76
CA ALA B 254 15.31 9.02 26.33
C ALA B 254 14.73 10.42 26.11
N GLN B 255 14.24 10.66 24.89
CA GLN B 255 13.76 12.01 24.58
C GLN B 255 12.52 12.34 25.41
N GLN B 256 11.57 11.41 25.49
CA GLN B 256 10.38 11.56 26.28
C GLN B 256 10.68 11.82 27.75
N ASN B 257 11.78 11.36 28.35
CA ASN B 257 12.22 11.73 29.66
C ASN B 257 12.98 13.07 29.73
N GLY B 258 13.05 13.85 28.66
CA GLY B 258 13.91 15.04 28.72
C GLY B 258 15.37 14.74 28.79
N ARG B 259 15.89 13.57 28.39
CA ARG B 259 17.33 13.35 28.29
C ARG B 259 17.88 13.80 26.93
N LYS B 260 19.15 14.15 26.84
CA LYS B 260 19.83 14.48 25.61
C LYS B 260 20.57 13.29 25.01
N HIS B 261 20.69 12.19 25.77
CA HIS B 261 21.45 11.04 25.28
C HIS B 261 20.69 9.79 25.71
N ILE B 262 20.84 8.75 24.92
CA ILE B 262 20.18 7.47 25.24
C ILE B 262 20.94 6.85 26.42
N ALA B 263 20.21 6.41 27.44
CA ALA B 263 20.92 5.78 28.56
C ALA B 263 20.67 4.28 28.51
N PRO B 264 21.48 3.50 29.25
CA PRO B 264 21.35 2.05 29.29
C PRO B 264 19.97 1.64 29.74
N GLU B 265 19.34 2.35 30.73
CA GLU B 265 18.01 1.88 31.09
C GLU B 265 17.03 1.91 29.91
N ASP B 266 17.10 3.01 29.15
CA ASP B 266 16.24 3.20 27.96
C ASP B 266 16.28 1.94 27.09
N VAL B 267 17.49 1.41 26.90
CA VAL B 267 17.69 0.19 26.11
C VAL B 267 17.08 -1.01 26.83
N ARG B 268 17.33 -1.15 28.15
CA ARG B 268 16.73 -2.30 28.83
C ARG B 268 15.19 -2.23 28.78
N LYS B 269 14.60 -1.08 29.04
CA LYS B 269 13.13 -0.94 28.98
C LYS B 269 12.59 -1.22 27.59
N SER B 270 13.31 -0.75 26.55
CA SER B 270 12.80 -0.98 25.17
C SER B 270 12.91 -2.43 24.75
N SER B 271 14.01 -3.08 25.19
CA SER B 271 14.19 -4.49 24.92
C SER B 271 13.09 -5.34 25.49
N LYS B 272 12.62 -5.02 26.70
CA LYS B 272 11.62 -5.75 27.46
C LYS B 272 10.23 -5.54 26.87
N GLU B 273 10.06 -4.45 26.11
CA GLU B 273 8.84 -4.21 25.37
C GLU B 273 8.69 -5.20 24.22
N VAL B 274 9.81 -5.62 23.67
CA VAL B 274 9.84 -6.36 22.41
C VAL B 274 10.45 -7.74 22.49
N LEU B 275 11.06 -8.10 23.63
CA LEU B 275 11.79 -9.33 23.79
C LEU B 275 11.47 -9.98 25.14
N PHE B 276 11.78 -11.26 25.26
CA PHE B 276 11.62 -11.87 26.58
C PHE B 276 12.81 -11.42 27.46
N GLY B 277 12.52 -11.10 28.72
CA GLY B 277 13.59 -10.68 29.62
C GLY B 277 14.21 -11.91 30.26
N ILE B 278 14.48 -11.80 31.55
CA ILE B 278 15.14 -12.93 32.24
C ILE B 278 14.05 -13.69 32.97
N SER B 279 13.92 -14.99 32.79
CA SER B 279 12.83 -15.66 33.55
C SER B 279 13.29 -15.84 34.99
N GLU B 280 12.37 -15.75 35.94
CA GLU B 280 12.68 -16.02 37.34
C GLU B 280 13.03 -17.49 37.47
N GLU B 281 12.47 -18.35 36.63
CA GLU B 281 12.82 -19.76 36.63
C GLU B 281 14.30 -20.01 36.34
N VAL B 282 14.93 -19.24 35.45
CA VAL B 282 16.37 -19.48 35.21
C VAL B 282 17.22 -18.93 36.33
N LEU B 283 16.77 -17.96 37.11
CA LEU B 283 17.52 -17.46 38.27
C LEU B 283 17.47 -18.38 39.48
N ILE B 284 16.28 -18.97 39.68
CA ILE B 284 16.06 -19.86 40.85
C ILE B 284 17.10 -20.94 40.95
N GLY B 285 17.46 -21.57 39.85
CA GLY B 285 18.42 -22.66 39.87
C GLY B 285 19.89 -22.28 39.95
N LEU B 286 20.25 -20.98 39.90
CA LEU B 286 21.66 -20.64 40.08
C LEU B 286 22.14 -21.00 41.47
N PRO B 287 23.41 -21.36 41.58
CA PRO B 287 24.10 -21.49 42.83
C PRO B 287 24.04 -20.18 43.62
N LEU B 288 24.04 -20.28 44.93
CA LEU B 288 24.00 -19.10 45.79
C LEU B 288 25.01 -18.02 45.35
N HIS B 289 26.28 -18.33 45.24
CA HIS B 289 27.30 -17.32 44.94
C HIS B 289 27.21 -16.80 43.51
N GLU B 290 26.61 -17.52 42.61
CA GLU B 290 26.30 -17.04 41.26
C GLU B 290 25.20 -15.98 41.31
N LYS B 291 24.18 -16.18 42.19
CA LYS B 291 23.15 -15.17 42.42
C LYS B 291 23.78 -13.90 43.03
N LEU B 292 24.65 -14.06 44.03
CA LEU B 292 25.33 -12.94 44.66
C LEU B 292 26.23 -12.22 43.63
N PHE B 293 26.93 -13.00 42.81
CA PHE B 293 27.74 -12.34 41.75
C PHE B 293 26.86 -11.62 40.74
N LEU B 294 25.68 -12.18 40.39
CA LEU B 294 24.79 -11.47 39.49
C LEU B 294 24.31 -10.17 40.11
N LEU B 295 23.91 -10.25 41.41
CA LEU B 295 23.48 -8.98 42.04
C LEU B 295 24.65 -8.02 42.06
N ALA B 296 25.90 -8.50 42.23
CA ALA B 296 27.01 -7.56 42.18
C ALA B 296 27.14 -6.85 40.81
N ILE B 297 26.87 -7.59 39.73
CA ILE B 297 26.95 -6.99 38.38
C ILE B 297 25.85 -5.97 38.25
N VAL B 298 24.64 -6.28 38.72
CA VAL B 298 23.50 -5.37 38.66
C VAL B 298 23.82 -4.08 39.38
N ARG B 299 24.46 -4.19 40.57
CA ARG B 299 24.81 -3.00 41.34
C ARG B 299 25.87 -2.16 40.63
N SER B 300 26.89 -2.84 40.09
CA SER B 300 27.92 -2.09 39.40
C SER B 300 27.30 -1.31 38.19
N LEU B 301 26.42 -1.93 37.46
CA LEU B 301 25.78 -1.24 36.32
C LEU B 301 24.88 -0.11 36.74
N LYS B 302 24.13 -0.28 37.90
CA LYS B 302 23.28 0.79 38.35
C LYS B 302 24.17 1.99 38.66
N ILE B 303 25.28 1.73 39.32
CA ILE B 303 26.17 2.85 39.62
C ILE B 303 26.85 3.49 38.40
N SER B 304 27.37 2.70 37.47
CA SER B 304 28.13 3.25 36.37
C SER B 304 27.21 4.04 35.46
N HIS B 305 25.93 3.74 35.30
CA HIS B 305 25.09 4.35 34.31
C HIS B 305 25.72 4.18 32.91
N THR B 306 26.52 3.18 32.64
CA THR B 306 27.14 2.93 31.31
C THR B 306 26.69 1.57 30.87
N PRO B 307 26.74 1.26 29.55
CA PRO B 307 26.32 -0.06 29.13
C PRO B 307 27.18 -1.14 29.76
N TYR B 308 28.48 -0.92 29.87
CA TYR B 308 29.37 -1.99 30.33
C TYR B 308 30.01 -1.66 31.67
N ILE B 309 30.26 -2.69 32.47
CA ILE B 309 31.24 -2.65 33.53
C ILE B 309 32.27 -3.71 33.32
N THR B 310 33.42 -3.56 34.00
CA THR B 310 34.50 -4.53 33.85
C THR B 310 34.33 -5.70 34.82
N PHE B 311 34.95 -6.82 34.56
CA PHE B 311 34.94 -7.97 35.46
C PHE B 311 35.54 -7.57 36.82
N GLY B 312 36.62 -6.79 36.85
CA GLY B 312 37.19 -6.27 38.10
C GLY B 312 36.20 -5.50 38.94
N ASP B 313 35.40 -4.62 38.33
CA ASP B 313 34.38 -3.83 38.97
C ASP B 313 33.34 -4.79 39.63
N ALA B 314 32.78 -5.69 38.87
CA ALA B 314 31.85 -6.72 39.37
C ALA B 314 32.45 -7.49 40.56
N GLU B 315 33.71 -7.89 40.49
CA GLU B 315 34.34 -8.60 41.62
C GLU B 315 34.46 -7.72 42.85
N GLU B 316 34.78 -6.41 42.70
CA GLU B 316 34.77 -5.55 43.89
C GLU B 316 33.39 -5.35 44.43
N SER B 317 32.37 -5.17 43.58
CA SER B 317 31.00 -5.05 44.01
C SER B 317 30.58 -6.36 44.72
N TYR B 318 31.00 -7.49 44.21
CA TYR B 318 30.69 -8.79 44.86
C TYR B 318 31.24 -8.93 46.28
N LYS B 319 32.46 -8.44 46.57
CA LYS B 319 33.03 -8.49 47.88
C LYS B 319 32.09 -7.77 48.84
N ILE B 320 31.58 -6.61 48.40
CA ILE B 320 30.64 -5.85 49.18
C ILE B 320 29.34 -6.60 49.40
N VAL B 321 28.74 -7.14 48.35
CA VAL B 321 27.57 -7.98 48.46
C VAL B 321 27.80 -9.11 49.49
N CYS B 322 28.94 -9.77 49.42
CA CYS B 322 29.20 -10.91 50.32
C CYS B 322 29.20 -10.43 51.78
N GLU B 323 29.79 -9.29 52.04
CA GLU B 323 29.86 -8.71 53.36
C GLU B 323 28.46 -8.42 53.86
N GLU B 324 27.62 -7.81 53.04
CA GLU B 324 26.24 -7.54 53.40
C GLU B 324 25.51 -8.82 53.81
N TYR B 325 25.69 -9.89 53.05
CA TYR B 325 24.96 -11.12 53.30
C TYR B 325 25.64 -12.02 54.32
N GLY B 326 26.79 -11.68 54.83
CA GLY B 326 27.51 -12.50 55.81
C GLY B 326 28.19 -13.70 55.16
N GLU B 327 28.57 -13.57 53.88
CA GLU B 327 29.21 -14.69 53.19
C GLU B 327 30.70 -14.43 52.97
N ARG B 328 31.51 -15.49 52.86
CA ARG B 328 32.90 -15.30 52.47
C ARG B 328 32.89 -15.27 50.93
N PRO B 329 33.63 -14.35 50.35
CA PRO B 329 33.63 -14.29 48.88
C PRO B 329 34.36 -15.46 48.26
N ARG B 330 33.94 -15.89 47.11
CA ARG B 330 34.63 -16.87 46.29
C ARG B 330 35.79 -16.20 45.56
N VAL B 331 36.75 -17.02 45.13
CA VAL B 331 37.93 -16.44 44.48
C VAL B 331 37.65 -16.06 43.04
N HIS B 332 38.63 -15.35 42.47
CA HIS B 332 38.52 -14.88 41.07
C HIS B 332 38.29 -15.94 40.03
N SER B 333 38.91 -17.14 40.11
CA SER B 333 38.67 -18.16 39.07
C SER B 333 37.26 -18.70 39.16
N GLN B 334 36.69 -18.67 40.37
CA GLN B 334 35.32 -19.20 40.52
C GLN B 334 34.29 -18.25 40.03
N LEU B 335 34.60 -16.91 40.14
CA LEU B 335 33.64 -15.91 39.66
C LEU B 335 33.61 -15.97 38.13
N TRP B 336 34.82 -16.26 37.61
CA TRP B 336 34.88 -16.46 36.13
C TRP B 336 33.96 -17.57 35.70
N SER B 337 33.96 -18.75 36.34
CA SER B 337 32.95 -19.76 36.01
C SER B 337 31.54 -19.22 36.18
N TYR B 338 31.23 -18.46 37.27
CA TYR B 338 29.82 -17.99 37.30
C TYR B 338 29.53 -17.03 36.15
N LEU B 339 30.51 -16.14 35.84
CA LEU B 339 30.21 -15.26 34.70
C LEU B 339 29.96 -16.03 33.42
N ASN B 340 30.78 -17.03 33.16
CA ASN B 340 30.61 -17.88 31.95
C ASN B 340 29.28 -18.58 31.87
N ASP B 341 28.77 -19.05 33.03
CA ASP B 341 27.41 -19.63 33.07
C ASP B 341 26.30 -18.61 32.89
N LEU B 342 26.44 -17.40 33.50
CA LEU B 342 25.50 -16.32 33.29
C LEU B 342 25.50 -15.98 31.80
N ARG B 343 26.68 -15.88 31.24
CA ARG B 343 26.74 -15.57 29.78
C ARG B 343 26.06 -16.62 28.94
N GLU B 344 26.40 -17.88 29.18
CA GLU B 344 25.78 -19.00 28.42
C GLU B 344 24.29 -19.06 28.57
N LYS B 345 23.72 -18.65 29.72
CA LYS B 345 22.28 -18.61 29.89
C LYS B 345 21.64 -17.39 29.28
N GLY B 346 22.44 -16.40 28.83
CA GLY B 346 21.78 -15.25 28.20
C GLY B 346 21.27 -14.25 29.24
N ILE B 347 21.74 -14.38 30.48
CA ILE B 347 21.39 -13.42 31.52
C ILE B 347 22.26 -12.17 31.40
N VAL B 348 23.57 -12.33 31.16
CA VAL B 348 24.43 -11.17 30.90
C VAL B 348 25.00 -11.22 29.49
N GLU B 349 25.53 -10.17 28.90
CA GLU B 349 26.23 -10.26 27.62
C GLU B 349 27.66 -9.82 27.93
N THR B 350 28.69 -10.45 27.40
CA THR B 350 30.04 -10.02 27.62
C THR B 350 30.75 -9.71 26.30
N ARG B 351 31.92 -9.07 26.44
CA ARG B 351 32.66 -8.61 25.25
C ARG B 351 34.08 -8.40 25.76
N GLN B 352 35.07 -8.46 24.91
CA GLN B 352 36.40 -8.08 25.36
C GLN B 352 36.72 -6.63 25.05
N ASN B 353 37.53 -6.03 25.89
CA ASN B 353 38.32 -4.85 25.60
C ASN B 353 37.72 -3.55 26.08
N THR B 363 39.39 -5.35 30.47
CA THR B 363 39.53 -6.44 29.47
C THR B 363 38.26 -7.26 29.39
N THR B 364 37.63 -7.95 30.34
CA THR B 364 36.29 -8.47 30.08
C THR B 364 35.25 -7.41 30.46
N LEU B 365 34.31 -7.16 29.54
CA LEU B 365 33.25 -6.19 29.80
C LEU B 365 31.91 -6.86 29.97
N ILE B 366 31.05 -6.35 30.85
CA ILE B 366 29.76 -7.06 31.11
C ILE B 366 28.58 -6.14 30.98
N SER B 367 27.49 -6.63 30.38
CA SER B 367 26.28 -5.82 30.23
C SER B 367 25.09 -6.66 30.63
N ILE B 368 24.04 -6.04 31.10
CA ILE B 368 22.74 -6.67 31.21
C ILE B 368 21.81 -5.84 30.33
N GLY B 369 21.52 -6.34 29.12
CA GLY B 369 20.75 -5.44 28.22
C GLY B 369 19.27 -5.83 28.22
N THR B 370 18.90 -6.99 28.74
CA THR B 370 17.50 -7.41 28.44
C THR B 370 16.49 -7.13 29.55
N GLU B 371 16.97 -6.64 30.69
CA GLU B 371 16.04 -6.47 31.82
C GLU B 371 16.37 -5.24 32.60
N PRO B 372 15.41 -4.36 32.88
CA PRO B 372 15.58 -3.15 33.66
C PRO B 372 16.11 -3.58 35.03
N LEU B 373 17.05 -2.79 35.54
CA LEU B 373 17.86 -3.32 36.63
C LEU B 373 17.10 -3.25 37.95
N ASP B 374 16.16 -2.31 38.10
CA ASP B 374 15.47 -2.25 39.41
C ASP B 374 14.64 -3.50 39.67
N THR B 375 13.97 -4.01 38.67
CA THR B 375 13.17 -5.20 38.70
C THR B 375 14.08 -6.43 38.82
N LEU B 376 15.10 -6.54 37.97
CA LEU B 376 16.03 -7.67 38.16
C LEU B 376 16.58 -7.67 39.58
N GLU B 377 17.04 -6.53 40.06
CA GLU B 377 17.61 -6.42 41.40
C GLU B 377 16.64 -6.93 42.50
N ALA B 378 15.36 -6.59 42.34
CA ALA B 378 14.34 -6.98 43.31
C ALA B 378 14.13 -8.49 43.35
N VAL B 379 13.98 -9.13 42.20
CA VAL B 379 13.81 -10.55 42.06
C VAL B 379 15.01 -11.34 42.57
N ILE B 380 16.23 -10.94 42.18
CA ILE B 380 17.40 -11.67 42.66
C ILE B 380 17.58 -11.50 44.16
N THR B 381 17.36 -10.34 44.71
CA THR B 381 17.44 -10.09 46.17
C THR B 381 16.42 -10.92 46.95
N LYS B 382 15.26 -11.12 46.39
CA LYS B 382 14.21 -11.92 47.00
C LYS B 382 14.64 -13.39 47.03
N LEU B 383 15.28 -13.85 45.95
CA LEU B 383 15.74 -15.25 45.90
C LEU B 383 16.88 -15.48 46.85
N ILE B 384 17.76 -14.48 46.97
CA ILE B 384 18.94 -14.60 47.83
C ILE B 384 18.45 -14.65 49.29
N LYS B 385 17.49 -13.76 49.58
CA LYS B 385 16.99 -13.66 50.94
C LYS B 385 16.25 -14.97 51.30
N GLU B 386 15.52 -15.59 50.39
CA GLU B 386 14.90 -16.90 50.74
C GLU B 386 15.92 -17.97 51.00
N GLU B 387 17.03 -18.02 50.24
CA GLU B 387 18.08 -18.98 50.48
C GLU B 387 18.83 -18.73 51.78
N LEU B 388 19.03 -17.46 52.14
CA LEU B 388 19.83 -17.12 53.29
C LEU B 388 19.05 -16.78 54.56
N ARG B 389 17.76 -17.00 54.62
CA ARG B 389 17.02 -16.64 55.81
C ARG B 389 17.13 -17.66 56.96
#